data_5V50
#
_entry.id   5V50
#
_cell.length_a   106.304
_cell.length_b   84.085
_cell.length_c   130.882
_cell.angle_alpha   90.00
_cell.angle_beta   111.35
_cell.angle_gamma   90.00
#
_symmetry.space_group_name_H-M   'P 1 21 1'
#
loop_
_entity.id
_entity.type
_entity.pdbx_description
1 polymer 'PR-1 protein'
2 water water
#
_entity_poly.entity_id   1
_entity_poly.type   'polypeptide(L)'
_entity_poly.pdbx_seq_one_letter_code
;PAAELEARQFDPDSFKNKWLELHNNERTTRQLDSLEWDGDLAWKAQQVATQCNVDNPQLWGDNGASFNIGRYTKEQAFAE
WTATSGSFPDDRSIPWQRIVANSAQKVGCGEATCVLEGDMAYTVNVCYYDPPLSDYYTNAGDNVRVPSLALLNLDLTTPF
CNLPVNGSNDLDIRE
;
_entity_poly.pdbx_strand_id   A,B,C,D,E,F,G
#
# COMPACT_ATOMS: atom_id res chain seq x y z
N GLN A 9 50.76 -46.07 35.59
CA GLN A 9 51.15 -46.32 37.01
C GLN A 9 52.68 -46.21 37.12
N PHE A 10 53.16 -45.02 37.43
CA PHE A 10 54.54 -44.66 37.15
C PHE A 10 54.92 -43.38 37.89
N ASP A 11 55.91 -43.45 38.76
CA ASP A 11 56.37 -42.23 39.42
C ASP A 11 57.71 -41.83 38.85
N PRO A 12 57.74 -40.86 37.93
CA PRO A 12 58.99 -40.43 37.29
C PRO A 12 60.09 -39.95 38.26
N ASP A 13 59.72 -39.14 39.24
CA ASP A 13 60.73 -38.62 40.17
C ASP A 13 61.48 -39.72 40.90
N SER A 14 60.76 -40.72 41.40
CA SER A 14 61.41 -41.83 42.11
C SER A 14 62.21 -42.71 41.14
N PHE A 15 61.68 -42.87 39.92
CA PHE A 15 62.32 -43.61 38.82
C PHE A 15 63.74 -43.07 38.52
N LYS A 16 63.86 -41.77 38.29
CA LYS A 16 65.16 -41.17 38.09
C LYS A 16 66.04 -41.40 39.30
N ASN A 17 65.49 -41.25 40.50
CA ASN A 17 66.31 -41.42 41.68
C ASN A 17 66.88 -42.79 41.87
N LYS A 18 66.07 -43.80 41.63
CA LYS A 18 66.55 -45.13 41.85
C LYS A 18 67.65 -45.47 40.86
N TRP A 19 67.44 -45.17 39.60
CA TRP A 19 68.44 -45.43 38.59
C TRP A 19 69.73 -44.68 38.84
N LEU A 20 69.63 -43.42 39.23
CA LEU A 20 70.84 -42.66 39.52
C LEU A 20 71.57 -43.23 40.72
N GLU A 21 70.82 -43.64 41.72
CA GLU A 21 71.45 -44.15 42.92
C GLU A 21 72.23 -45.43 42.59
N LEU A 22 71.59 -46.35 41.86
CA LEU A 22 72.27 -47.57 41.46
C LEU A 22 73.58 -47.28 40.75
N HIS A 23 73.54 -46.41 39.74
CA HIS A 23 74.72 -46.05 38.99
C HIS A 23 75.72 -45.33 39.89
N ASN A 24 75.28 -44.32 40.62
CA ASN A 24 76.23 -43.52 41.35
C ASN A 24 76.84 -44.20 42.58
N ASN A 25 76.13 -45.13 43.22
CA ASN A 25 76.74 -45.96 44.28
C ASN A 25 77.95 -46.70 43.76
N GLU A 26 77.75 -47.40 42.64
CA GLU A 26 78.82 -48.13 41.96
C GLU A 26 80.01 -47.25 41.64
N ARG A 27 79.76 -46.06 41.16
CA ARG A 27 80.87 -45.18 40.77
C ARG A 27 81.50 -44.49 41.96
N THR A 28 80.70 -44.21 42.99
CA THR A 28 81.23 -43.46 44.16
C THR A 28 82.26 -44.29 44.90
N THR A 29 81.96 -45.58 45.08
CA THR A 29 82.88 -46.57 45.64
C THR A 29 84.25 -46.51 44.95
N ARG A 30 84.24 -46.35 43.63
CA ARG A 30 85.44 -46.39 42.84
C ARG A 30 86.10 -45.05 42.56
N GLN A 31 85.84 -44.07 43.41
CA GLN A 31 86.41 -42.69 43.26
C GLN A 31 86.11 -42.04 41.92
N LEU A 32 84.90 -42.25 41.40
CA LEU A 32 84.51 -41.64 40.13
C LEU A 32 83.49 -40.55 40.38
N ASP A 33 83.52 -39.52 39.52
CA ASP A 33 82.49 -38.45 39.46
C ASP A 33 81.11 -38.99 39.21
N SER A 34 80.08 -38.47 39.86
CA SER A 34 78.71 -39.01 39.63
C SER A 34 78.18 -38.62 38.26
N LEU A 35 77.30 -39.46 37.74
CA LEU A 35 76.59 -39.21 36.51
C LEU A 35 75.39 -38.30 36.77
N GLU A 36 75.01 -37.51 35.77
CA GLU A 36 73.83 -36.68 35.88
C GLU A 36 72.80 -37.21 34.92
N TRP A 37 71.54 -37.06 35.30
CA TRP A 37 70.45 -37.47 34.43
C TRP A 37 70.30 -36.60 33.18
N ASP A 38 70.00 -37.25 32.05
CA ASP A 38 69.71 -36.54 30.81
C ASP A 38 68.46 -37.10 30.18
N GLY A 39 67.47 -36.24 29.99
CA GLY A 39 66.14 -36.67 29.54
C GLY A 39 66.16 -37.21 28.12
N ASP A 40 66.98 -36.62 27.26
CA ASP A 40 67.08 -37.08 25.88
C ASP A 40 67.43 -38.54 25.79
N LEU A 41 68.43 -38.94 26.59
CA LEU A 41 68.84 -40.33 26.69
C LEU A 41 67.74 -41.18 27.24
N ALA A 42 67.13 -40.70 28.31
CA ALA A 42 65.99 -41.43 28.90
C ALA A 42 64.86 -41.68 27.92
N TRP A 43 64.68 -40.72 27.02
CA TRP A 43 63.65 -40.86 26.02
C TRP A 43 64.05 -41.94 25.01
N LYS A 44 65.26 -41.78 24.45
CA LYS A 44 65.87 -42.80 23.58
C LYS A 44 65.80 -44.21 24.22
N ALA A 45 66.07 -44.26 25.52
CA ALA A 45 66.04 -45.48 26.23
C ALA A 45 64.68 -46.08 26.13
N GLN A 46 63.66 -45.25 26.35
CA GLN A 46 62.33 -45.78 26.31
C GLN A 46 61.95 -46.25 24.91
N GLN A 47 62.41 -45.53 23.88
CA GLN A 47 62.12 -45.91 22.50
C GLN A 47 62.57 -47.33 22.26
N VAL A 48 63.78 -47.64 22.71
CA VAL A 48 64.36 -48.95 22.53
C VAL A 48 63.61 -49.97 23.39
N ALA A 49 63.30 -49.55 24.61
CA ALA A 49 62.70 -50.43 25.58
C ALA A 49 61.32 -50.91 25.11
N THR A 50 60.59 -50.01 24.44
CA THR A 50 59.20 -50.24 23.98
C THR A 50 59.08 -51.38 22.97
N GLN A 51 60.14 -51.57 22.18
CA GLN A 51 60.20 -52.61 21.16
C GLN A 51 60.12 -54.05 21.68
N CYS A 52 60.36 -54.29 22.97
CA CYS A 52 60.35 -55.63 23.59
C CYS A 52 61.33 -56.60 22.93
N ASN A 53 62.47 -56.06 22.49
CA ASN A 53 63.48 -56.85 21.81
C ASN A 53 64.83 -56.59 22.43
N VAL A 54 65.28 -57.52 23.29
CA VAL A 54 66.60 -57.40 23.94
C VAL A 54 67.77 -57.66 22.98
N ASP A 55 67.61 -58.67 22.13
CA ASP A 55 68.67 -59.10 21.22
C ASP A 55 68.84 -58.22 19.97
N ASN A 56 67.74 -57.80 19.35
CA ASN A 56 67.82 -57.09 18.06
C ASN A 56 67.00 -55.81 18.03
N PRO A 57 67.31 -54.83 18.89
CA PRO A 57 66.56 -53.58 18.89
C PRO A 57 66.92 -52.74 17.68
N GLN A 58 65.96 -51.95 17.21
CA GLN A 58 66.19 -51.04 16.10
C GLN A 58 66.70 -49.75 16.75
N LEU A 59 67.84 -49.26 16.29
CA LEU A 59 68.50 -48.11 16.88
C LEU A 59 68.78 -47.05 15.86
N TRP A 60 68.95 -45.83 16.34
CA TRP A 60 69.27 -44.71 15.48
C TRP A 60 70.29 -43.82 16.15
N GLY A 61 71.02 -43.06 15.34
CA GLY A 61 72.00 -42.08 15.82
C GLY A 61 73.44 -42.58 16.01
N ASP A 62 74.35 -41.62 16.14
CA ASP A 62 75.78 -41.88 16.33
C ASP A 62 76.06 -42.70 17.59
N ASN A 63 75.40 -42.34 18.68
CA ASN A 63 75.52 -43.04 19.95
C ASN A 63 74.43 -44.11 20.09
N GLY A 64 73.98 -44.69 19.00
CA GLY A 64 72.83 -45.57 19.07
C GLY A 64 73.07 -46.83 19.86
N ALA A 65 74.32 -47.33 19.88
CA ALA A 65 74.56 -48.60 20.59
C ALA A 65 75.11 -48.38 22.00
N SER A 66 75.21 -47.11 22.41
CA SER A 66 75.74 -46.78 23.68
C SER A 66 74.71 -46.95 24.79
N PHE A 67 74.34 -48.19 25.08
CA PHE A 67 73.33 -48.45 26.10
C PHE A 67 73.37 -49.85 26.71
N ASN A 68 72.78 -50.00 27.88
CA ASN A 68 72.63 -51.33 28.49
C ASN A 68 71.20 -51.72 28.47
N ILE A 69 70.94 -53.01 28.42
CA ILE A 69 69.59 -53.51 28.34
C ILE A 69 69.47 -54.74 29.24
N GLY A 70 68.32 -54.92 29.86
CA GLY A 70 68.17 -55.97 30.83
C GLY A 70 66.71 -56.21 31.17
N ARG A 71 66.47 -57.33 31.82
CA ARG A 71 65.14 -57.83 32.09
C ARG A 71 64.83 -57.65 33.57
N TYR A 72 63.59 -57.88 33.95
CA TYR A 72 63.11 -57.81 35.37
C TYR A 72 63.30 -56.50 36.11
N THR A 73 63.41 -56.53 37.43
CA THR A 73 63.50 -55.28 38.21
C THR A 73 64.80 -54.52 38.01
N LYS A 74 64.81 -53.28 38.47
CA LYS A 74 65.97 -52.44 38.30
C LYS A 74 67.20 -53.04 38.95
N GLU A 75 67.05 -53.52 40.18
CA GLU A 75 68.20 -54.06 40.85
C GLU A 75 68.76 -55.27 40.12
N GLN A 76 67.88 -56.16 39.71
CA GLN A 76 68.32 -57.34 39.04
C GLN A 76 68.99 -57.02 37.73
N ALA A 77 68.44 -56.07 36.98
CA ALA A 77 69.01 -55.73 35.70
C ALA A 77 70.37 -55.10 35.87
N PHE A 78 70.49 -54.23 36.87
CA PHE A 78 71.73 -53.55 37.08
C PHE A 78 72.79 -54.54 37.51
N ALA A 79 72.42 -55.48 38.37
CA ALA A 79 73.38 -56.44 38.88
C ALA A 79 73.93 -57.30 37.75
N GLU A 80 73.06 -57.70 36.85
CA GLU A 80 73.46 -58.54 35.74
C GLU A 80 74.52 -57.81 34.88
N TRP A 81 74.48 -56.50 34.88
CA TRP A 81 75.47 -55.70 34.14
C TRP A 81 76.77 -55.58 34.90
N THR A 82 76.70 -55.30 36.20
CA THR A 82 77.90 -55.12 37.01
C THR A 82 78.62 -56.46 37.23
N ALA A 83 77.85 -57.56 37.19
CA ALA A 83 78.38 -58.94 37.27
C ALA A 83 79.41 -59.28 36.21
N THR A 84 79.44 -58.50 35.12
CA THR A 84 80.37 -58.71 34.05
C THR A 84 81.74 -58.06 34.26
N SER A 85 81.90 -57.38 35.41
CA SER A 85 83.18 -56.71 35.74
C SER A 85 84.35 -57.70 35.71
N GLY A 86 84.09 -58.93 36.20
CA GLY A 86 85.03 -60.03 36.26
C GLY A 86 86.08 -60.17 35.16
N SER A 87 85.67 -59.95 33.93
CA SER A 87 86.55 -60.16 32.82
C SER A 87 87.08 -58.88 32.18
N PHE A 88 86.92 -57.74 32.85
CA PHE A 88 87.49 -56.51 32.31
C PHE A 88 88.98 -56.70 32.03
N PRO A 89 89.48 -56.36 30.85
CA PRO A 89 88.90 -55.45 29.89
C PRO A 89 88.44 -56.10 28.59
N ASP A 90 87.98 -57.34 28.65
CA ASP A 90 87.52 -57.98 27.44
C ASP A 90 86.08 -57.53 27.09
N ASP A 91 85.61 -57.93 25.93
CA ASP A 91 84.32 -57.48 25.43
C ASP A 91 83.13 -57.91 26.24
N ARG A 92 83.25 -59.01 26.99
CA ARG A 92 82.13 -59.42 27.85
C ARG A 92 81.83 -58.45 29.00
N SER A 93 82.82 -57.66 29.39
CA SER A 93 82.69 -56.68 30.46
C SER A 93 82.11 -55.35 29.99
N ILE A 94 81.94 -55.19 28.68
CA ILE A 94 81.41 -53.91 28.12
C ILE A 94 80.23 -53.28 28.89
N PRO A 95 79.22 -54.09 29.29
CA PRO A 95 78.14 -53.58 30.14
C PRO A 95 78.61 -52.83 31.35
N TRP A 96 79.47 -53.47 32.12
CA TRP A 96 80.03 -52.87 33.33
C TRP A 96 80.88 -51.68 32.95
N GLN A 97 81.51 -51.74 31.78
CA GLN A 97 82.40 -50.68 31.34
C GLN A 97 81.67 -49.40 31.15
N ARG A 98 80.43 -49.48 30.65
CA ARG A 98 79.63 -48.30 30.37
C ARG A 98 79.35 -47.56 31.66
N ILE A 99 79.05 -48.30 32.72
CA ILE A 99 78.67 -47.75 34.00
C ILE A 99 79.85 -47.07 34.67
N VAL A 100 81.00 -47.67 34.48
CA VAL A 100 82.19 -47.32 35.26
C VAL A 100 83.18 -46.39 34.53
N ALA A 101 82.88 -46.08 33.27
CA ALA A 101 83.78 -45.30 32.48
C ALA A 101 83.98 -43.91 33.04
N ASN A 102 85.23 -43.50 33.10
CA ASN A 102 85.54 -42.20 33.60
C ASN A 102 85.04 -41.08 32.68
N SER A 103 85.09 -41.35 31.40
CA SER A 103 84.66 -40.38 30.41
C SER A 103 83.15 -40.13 30.48
N ALA A 104 82.39 -41.15 30.88
CA ALA A 104 80.93 -41.02 31.00
C ALA A 104 80.49 -39.90 31.92
N GLN A 105 79.50 -39.11 31.48
CA GLN A 105 79.01 -37.93 32.20
C GLN A 105 77.51 -38.02 32.51
N LYS A 106 76.75 -38.67 31.63
CA LYS A 106 75.30 -38.65 31.69
C LYS A 106 74.69 -40.02 31.50
N VAL A 107 73.57 -40.26 32.15
CA VAL A 107 72.78 -41.45 31.93
C VAL A 107 71.29 -41.09 31.84
N GLY A 108 70.53 -41.91 31.12
CA GLY A 108 69.09 -41.79 31.08
C GLY A 108 68.53 -43.15 30.83
N CYS A 109 67.58 -43.53 31.67
CA CYS A 109 67.03 -44.87 31.61
C CYS A 109 65.53 -44.83 31.32
N GLY A 110 65.00 -45.94 30.83
CA GLY A 110 63.62 -46.04 30.40
C GLY A 110 63.14 -47.47 30.46
N GLU A 111 61.84 -47.67 30.65
CA GLU A 111 61.31 -49.01 30.71
C GLU A 111 60.07 -49.20 29.89
N ALA A 112 59.64 -50.45 29.86
CA ALA A 112 58.51 -50.90 29.10
C ALA A 112 58.09 -52.24 29.68
N THR A 113 56.79 -52.50 29.60
CA THR A 113 56.31 -53.72 30.17
C THR A 113 55.92 -54.63 29.02
N CYS A 114 56.53 -55.82 28.97
CA CYS A 114 56.41 -56.73 27.82
C CYS A 114 55.86 -58.07 28.26
N VAL A 115 55.23 -58.78 27.34
CA VAL A 115 54.51 -60.01 27.71
C VAL A 115 55.09 -61.30 27.13
N LEU A 116 54.89 -62.39 27.88
CA LEU A 116 55.10 -63.73 27.39
C LEU A 116 53.70 -64.32 27.27
N GLU A 117 53.37 -64.90 26.12
CA GLU A 117 52.00 -65.39 25.86
C GLU A 117 51.60 -66.40 26.94
N GLY A 118 50.42 -66.17 27.53
CA GLY A 118 49.91 -66.97 28.65
C GLY A 118 50.90 -67.15 29.79
N ASP A 119 51.58 -66.06 30.16
CA ASP A 119 52.59 -66.06 31.21
C ASP A 119 52.68 -64.66 31.81
N MET A 120 53.30 -64.55 32.99
CA MET A 120 53.49 -63.26 33.65
C MET A 120 54.29 -62.31 32.75
N ALA A 121 53.89 -61.05 32.73
CA ALA A 121 54.64 -60.03 32.00
C ALA A 121 55.90 -59.67 32.78
N TYR A 122 56.90 -59.13 32.09
CA TYR A 122 58.14 -58.74 32.74
C TYR A 122 58.55 -57.39 32.19
N THR A 123 59.37 -56.67 32.94
CA THR A 123 59.85 -55.34 32.51
C THR A 123 61.14 -55.44 31.67
N VAL A 124 61.28 -54.59 30.67
CA VAL A 124 62.53 -54.42 29.95
C VAL A 124 63.13 -53.06 30.32
N ASN A 125 64.37 -53.07 30.80
CA ASN A 125 65.06 -51.87 31.22
C ASN A 125 66.18 -51.50 30.25
N VAL A 126 66.31 -50.21 29.96
CA VAL A 126 67.35 -49.72 29.10
C VAL A 126 67.95 -48.46 29.68
N CYS A 127 69.27 -48.33 29.64
CA CYS A 127 69.89 -47.10 30.06
C CYS A 127 70.82 -46.66 28.98
N TYR A 128 70.91 -45.36 28.75
CA TYR A 128 71.79 -44.82 27.73
C TYR A 128 72.87 -44.03 28.38
N TYR A 129 74.05 -43.98 27.75
CA TYR A 129 75.17 -43.27 28.33
C TYR A 129 75.75 -42.26 27.41
N ASP A 130 76.20 -41.14 27.98
CA ASP A 130 76.89 -40.13 27.20
C ASP A 130 78.06 -39.58 27.97
N PRO A 131 79.25 -39.35 27.37
CA PRO A 131 79.64 -39.63 25.96
C PRO A 131 79.69 -41.10 25.73
N PRO A 132 79.64 -41.55 24.48
CA PRO A 132 79.64 -42.99 24.31
C PRO A 132 80.99 -43.63 24.63
N LEU A 133 80.96 -44.92 24.95
CA LEU A 133 82.15 -45.72 25.15
C LEU A 133 83.10 -45.71 23.95
N SER A 134 84.39 -45.55 24.22
CA SER A 134 85.42 -45.56 23.17
C SER A 134 86.43 -46.70 23.39
N ASP A 135 87.70 -46.40 23.11
CA ASP A 135 88.79 -47.33 23.32
C ASP A 135 89.16 -47.38 24.82
N TYR A 136 89.82 -48.47 25.19
CA TYR A 136 90.33 -48.73 26.54
C TYR A 136 91.01 -47.53 27.22
N TYR A 137 91.91 -46.85 26.50
CA TYR A 137 92.64 -45.73 27.10
C TYR A 137 91.76 -44.52 27.33
N THR A 138 90.88 -44.22 26.39
CA THR A 138 90.05 -43.01 26.43
C THR A 138 89.06 -43.05 27.60
N ASN A 139 88.50 -44.25 27.81
CA ASN A 139 87.52 -44.45 28.85
C ASN A 139 88.00 -44.10 30.24
N ALA A 140 89.27 -44.33 30.52
CA ALA A 140 89.80 -44.01 31.82
C ALA A 140 90.35 -42.57 31.90
N GLY A 141 90.44 -41.87 30.76
CA GLY A 141 90.88 -40.46 30.74
C GLY A 141 89.87 -39.49 31.39
N ASP A 142 90.35 -38.36 31.91
CA ASP A 142 89.50 -37.45 32.72
C ASP A 142 88.84 -36.27 32.00
N GLN B 9 48.54 -8.85 4.25
CA GLN B 9 49.55 -9.78 3.65
C GLN B 9 49.97 -10.91 4.60
N PHE B 10 49.23 -11.12 5.70
CA PHE B 10 49.40 -12.31 6.55
C PHE B 10 49.12 -13.54 5.71
N ASP B 11 50.01 -14.52 5.77
CA ASP B 11 49.89 -15.71 4.94
C ASP B 11 49.67 -16.96 5.77
N PRO B 12 48.44 -17.52 5.75
CA PRO B 12 48.09 -18.75 6.49
C PRO B 12 48.94 -19.97 6.11
N ASP B 13 49.12 -20.23 4.82
CA ASP B 13 49.92 -21.39 4.37
C ASP B 13 51.32 -21.35 4.93
N SER B 14 51.98 -20.18 4.81
CA SER B 14 53.36 -20.03 5.23
C SER B 14 53.47 -20.04 6.76
N PHE B 15 52.52 -19.41 7.44
CA PHE B 15 52.41 -19.47 8.89
C PHE B 15 52.22 -20.95 9.30
N LYS B 16 51.34 -21.63 8.61
CA LYS B 16 51.07 -23.01 8.93
C LYS B 16 52.25 -23.96 8.73
N ASN B 17 52.98 -23.85 7.63
CA ASN B 17 54.13 -24.74 7.41
C ASN B 17 55.22 -24.52 8.41
N LYS B 18 55.62 -23.26 8.55
CA LYS B 18 56.63 -22.87 9.53
C LYS B 18 56.45 -23.60 10.89
N TRP B 19 55.22 -23.73 11.36
CA TRP B 19 54.91 -24.49 12.59
C TRP B 19 55.11 -25.99 12.40
N LEU B 20 54.46 -26.55 11.38
CA LEU B 20 54.62 -27.99 11.11
C LEU B 20 56.09 -28.39 10.90
N GLU B 21 56.89 -27.46 10.38
CA GLU B 21 58.33 -27.67 10.15
C GLU B 21 59.01 -27.85 11.50
N LEU B 22 58.97 -26.79 12.34
CA LEU B 22 59.54 -26.84 13.70
C LEU B 22 59.19 -28.15 14.39
N HIS B 23 57.91 -28.51 14.34
CA HIS B 23 57.42 -29.72 14.96
C HIS B 23 57.98 -30.96 14.30
N ASN B 24 57.79 -31.09 12.98
CA ASN B 24 58.18 -32.32 12.32
C ASN B 24 59.68 -32.56 12.23
N ASN B 25 60.48 -31.49 12.17
CA ASN B 25 61.93 -31.62 12.30
C ASN B 25 62.32 -32.38 13.56
N GLU B 26 61.77 -31.95 14.69
CA GLU B 26 62.02 -32.56 15.96
C GLU B 26 61.63 -34.03 15.95
N ARG B 27 60.46 -34.34 15.42
CA ARG B 27 60.04 -35.74 15.44
C ARG B 27 60.75 -36.59 14.40
N THR B 28 61.13 -35.97 13.27
CA THR B 28 61.81 -36.68 12.19
C THR B 28 63.13 -37.25 12.67
N THR B 29 63.90 -36.44 13.39
CA THR B 29 65.18 -36.87 13.93
C THR B 29 65.02 -38.10 14.80
N ARG B 30 63.91 -38.15 15.53
CA ARG B 30 63.70 -39.17 16.52
C ARG B 30 62.83 -40.31 16.04
N GLN B 31 62.79 -40.47 14.70
CA GLN B 31 62.11 -41.63 14.08
C GLN B 31 60.65 -41.67 14.36
N LEU B 32 60.02 -40.50 14.34
CA LEU B 32 58.59 -40.38 14.63
C LEU B 32 57.82 -39.96 13.40
N ASP B 33 56.57 -40.46 13.31
CA ASP B 33 55.61 -40.05 12.25
C ASP B 33 55.32 -38.56 12.30
N SER B 34 55.14 -37.95 11.13
CA SER B 34 54.79 -36.53 11.09
C SER B 34 53.41 -36.18 11.66
N LEU B 35 53.32 -34.93 12.09
CA LEU B 35 52.02 -34.43 12.55
C LEU B 35 51.29 -33.78 11.38
N GLU B 36 49.97 -33.94 11.34
CA GLU B 36 49.13 -33.23 10.38
C GLU B 36 48.50 -32.04 11.09
N TRP B 37 48.34 -30.95 10.35
CA TRP B 37 47.62 -29.78 10.87
C TRP B 37 46.11 -29.99 10.99
N ASP B 38 45.53 -29.48 12.06
CA ASP B 38 44.08 -29.50 12.23
C ASP B 38 43.59 -28.10 12.51
N GLY B 39 42.57 -27.67 11.80
CA GLY B 39 42.04 -26.32 11.93
C GLY B 39 41.33 -26.05 13.24
N ASP B 40 40.51 -27.00 13.75
CA ASP B 40 39.87 -26.84 15.05
C ASP B 40 40.87 -26.45 16.14
N LEU B 41 41.99 -27.17 16.20
CA LEU B 41 43.01 -26.93 17.21
C LEU B 41 43.58 -25.55 17.03
N ALA B 42 43.83 -25.17 15.77
CA ALA B 42 44.41 -23.87 15.47
C ALA B 42 43.51 -22.73 15.92
N TRP B 43 42.19 -22.94 15.83
CA TRP B 43 41.28 -21.91 16.27
C TRP B 43 41.33 -21.87 17.78
N LYS B 44 41.22 -23.05 18.40
CA LYS B 44 41.28 -23.22 19.85
C LYS B 44 42.58 -22.58 20.36
N ALA B 45 43.64 -22.78 19.62
CA ALA B 45 44.92 -22.20 19.95
C ALA B 45 44.83 -20.69 19.98
N GLN B 46 44.33 -20.12 18.88
CA GLN B 46 44.27 -18.67 18.72
C GLN B 46 43.37 -18.09 19.81
N GLN B 47 42.30 -18.82 20.14
CA GLN B 47 41.41 -18.38 21.20
C GLN B 47 42.14 -18.24 22.54
N VAL B 48 42.90 -19.28 22.91
CA VAL B 48 43.69 -19.24 24.14
C VAL B 48 44.76 -18.16 24.04
N ALA B 49 45.26 -17.96 22.83
CA ALA B 49 46.35 -17.01 22.64
C ALA B 49 45.93 -15.59 22.89
N THR B 50 44.71 -15.26 22.42
CA THR B 50 44.22 -13.88 22.44
C THR B 50 43.99 -13.36 23.85
N GLN B 51 43.90 -14.29 24.82
CA GLN B 51 43.61 -13.92 26.21
C GLN B 51 44.75 -13.20 26.89
N CYS B 52 45.97 -13.33 26.34
CA CYS B 52 47.20 -12.69 26.89
C CYS B 52 47.46 -13.08 28.33
N ASN B 53 47.17 -14.33 28.62
CA ASN B 53 47.29 -14.88 29.94
C ASN B 53 48.01 -16.17 29.67
N VAL B 54 49.25 -16.24 30.11
CA VAL B 54 49.97 -17.50 29.86
C VAL B 54 49.82 -18.44 31.04
N ASP B 55 49.70 -17.85 32.22
CA ASP B 55 49.59 -18.54 33.49
C ASP B 55 48.23 -19.19 33.73
N ASN B 56 47.12 -18.48 33.49
CA ASN B 56 45.81 -19.00 33.82
C ASN B 56 44.74 -18.75 32.80
N PRO B 57 44.95 -19.21 31.55
CA PRO B 57 43.96 -18.99 30.51
C PRO B 57 42.69 -19.77 30.80
N GLN B 58 41.54 -19.21 30.41
CA GLN B 58 40.28 -19.93 30.55
C GLN B 58 40.24 -21.04 29.50
N LEU B 59 39.89 -22.26 29.89
CA LEU B 59 39.88 -23.38 28.95
C LEU B 59 38.59 -24.16 28.93
N TRP B 60 38.44 -25.04 27.94
CA TRP B 60 37.22 -25.83 27.79
C TRP B 60 37.47 -27.06 26.96
N GLY B 61 36.60 -28.05 27.09
CA GLY B 61 36.69 -29.24 26.27
C GLY B 61 37.36 -30.42 26.89
N ASP B 62 37.06 -31.61 26.38
CA ASP B 62 37.71 -32.85 26.82
C ASP B 62 39.24 -32.84 26.67
N ASN B 63 39.75 -31.87 25.89
CA ASN B 63 41.15 -31.78 25.58
C ASN B 63 41.70 -30.37 25.86
N GLY B 64 41.12 -29.66 26.81
CA GLY B 64 41.45 -28.24 26.97
C GLY B 64 42.87 -27.99 27.44
N ALA B 65 43.41 -28.93 28.24
CA ALA B 65 44.75 -28.78 28.78
C ALA B 65 45.90 -29.18 27.83
N SER B 66 45.54 -29.76 26.69
CA SER B 66 46.48 -30.38 25.80
C SER B 66 47.17 -29.39 24.85
N PHE B 67 48.07 -28.56 25.37
CA PHE B 67 48.66 -27.52 24.55
C PHE B 67 49.90 -26.93 25.15
N ASN B 68 50.66 -26.23 24.33
CA ASN B 68 51.83 -25.48 24.78
C ASN B 68 51.60 -24.02 24.53
N ILE B 69 52.31 -23.19 25.28
CA ILE B 69 52.13 -21.77 25.20
C ILE B 69 53.47 -21.10 25.48
N GLY B 70 53.79 -20.07 24.72
CA GLY B 70 55.00 -19.31 24.95
C GLY B 70 55.05 -17.99 24.20
N ARG B 71 55.86 -17.08 24.74
CA ARG B 71 56.04 -15.75 24.21
C ARG B 71 57.04 -15.68 23.06
N TYR B 72 56.99 -14.56 22.35
CA TYR B 72 57.92 -14.16 21.27
C TYR B 72 57.79 -14.95 19.97
N THR B 73 58.84 -14.96 19.15
CA THR B 73 58.83 -15.61 17.82
C THR B 73 58.55 -17.10 17.90
N LYS B 74 57.85 -17.63 16.91
CA LYS B 74 57.55 -19.07 16.88
C LYS B 74 58.80 -19.89 17.20
N GLU B 75 59.95 -19.43 16.69
CA GLU B 75 61.19 -20.14 16.92
C GLU B 75 61.56 -20.09 18.42
N GLN B 76 61.63 -18.88 18.98
CA GLN B 76 61.99 -18.72 20.39
C GLN B 76 61.09 -19.50 21.33
N ALA B 77 59.80 -19.52 21.01
CA ALA B 77 58.85 -20.19 21.85
C ALA B 77 59.05 -21.69 21.76
N PHE B 78 59.28 -22.18 20.54
CA PHE B 78 59.46 -23.60 20.32
C PHE B 78 60.70 -24.12 21.05
N ALA B 79 61.79 -23.37 20.99
CA ALA B 79 63.02 -23.68 21.70
C ALA B 79 62.76 -23.91 23.20
N GLU B 80 62.05 -22.98 23.83
CA GLU B 80 61.65 -23.07 25.26
C GLU B 80 61.00 -24.41 25.58
N TRP B 81 60.17 -24.90 24.64
CA TRP B 81 59.42 -26.13 24.83
C TRP B 81 60.32 -27.34 24.79
N THR B 82 61.24 -27.36 23.82
CA THR B 82 62.13 -28.49 23.62
C THR B 82 63.21 -28.44 24.66
N ALA B 83 63.58 -27.24 25.09
CA ALA B 83 64.56 -27.06 26.16
C ALA B 83 64.19 -27.80 27.46
N THR B 84 62.97 -28.34 27.51
CA THR B 84 62.56 -29.02 28.72
C THR B 84 62.82 -30.49 28.62
N SER B 85 63.38 -30.92 27.48
CA SER B 85 63.70 -32.36 27.22
C SER B 85 64.60 -32.93 28.32
N GLY B 86 65.55 -32.11 28.77
CA GLY B 86 66.50 -32.41 29.83
C GLY B 86 66.01 -33.20 31.02
N SER B 87 64.82 -32.88 31.52
CA SER B 87 64.31 -33.51 32.71
C SER B 87 63.34 -34.67 32.43
N PHE B 88 63.22 -35.08 31.17
CA PHE B 88 62.26 -36.16 30.86
C PHE B 88 62.58 -37.43 31.66
N PRO B 89 61.64 -38.13 32.25
CA PRO B 89 60.21 -38.06 32.09
C PRO B 89 59.53 -37.41 33.30
N ASP B 90 60.14 -36.41 33.89
CA ASP B 90 59.48 -35.74 35.01
C ASP B 90 58.47 -34.70 34.46
N ASP B 91 57.64 -34.13 35.33
CA ASP B 91 56.57 -33.26 34.88
C ASP B 91 57.02 -31.94 34.24
N ARG B 92 58.25 -31.53 34.49
CA ARG B 92 58.74 -30.32 33.84
C ARG B 92 58.98 -30.48 32.34
N SER B 93 59.09 -31.71 31.86
CA SER B 93 59.37 -31.98 30.45
C SER B 93 58.09 -32.11 29.66
N ILE B 94 56.95 -31.96 30.34
CA ILE B 94 55.66 -32.15 29.66
C ILE B 94 55.49 -31.37 28.32
N PRO B 95 55.91 -30.10 28.25
CA PRO B 95 55.90 -29.41 26.97
C PRO B 95 56.61 -30.21 25.86
N TRP B 96 57.83 -30.65 26.11
CA TRP B 96 58.54 -31.43 25.11
C TRP B 96 57.84 -32.76 24.88
N GLN B 97 57.22 -33.31 25.91
CA GLN B 97 56.54 -34.59 25.75
C GLN B 97 55.44 -34.55 24.75
N ARG B 98 54.67 -33.43 24.73
CA ARG B 98 53.54 -33.29 23.82
C ARG B 98 53.99 -33.36 22.39
N ILE B 99 55.06 -32.63 22.09
CA ILE B 99 55.66 -32.57 20.77
C ILE B 99 56.08 -33.94 20.27
N VAL B 100 56.62 -34.71 21.19
CA VAL B 100 57.38 -35.90 20.86
C VAL B 100 56.61 -37.22 21.07
N ALA B 101 55.39 -37.16 21.59
CA ALA B 101 54.66 -38.39 21.83
C ALA B 101 54.39 -39.19 20.57
N ASN B 102 54.50 -40.48 20.69
CA ASN B 102 54.25 -41.38 19.60
C ASN B 102 52.78 -41.37 19.21
N SER B 103 51.92 -41.28 20.22
CA SER B 103 50.48 -41.26 20.02
C SER B 103 49.98 -40.00 19.28
N ALA B 104 50.63 -38.87 19.50
CA ALA B 104 50.19 -37.63 18.86
C ALA B 104 50.11 -37.74 17.35
N GLN B 105 48.96 -37.37 16.79
CA GLN B 105 48.74 -37.37 15.33
C GLN B 105 48.65 -35.96 14.78
N LYS B 106 48.01 -35.05 15.53
CA LYS B 106 47.71 -33.73 14.98
C LYS B 106 48.11 -32.55 15.81
N VAL B 107 48.43 -31.46 15.12
CA VAL B 107 48.74 -30.22 15.80
C VAL B 107 48.03 -28.98 15.18
N GLY B 108 47.67 -28.00 16.00
CA GLY B 108 47.16 -26.71 15.52
C GLY B 108 47.65 -25.57 16.37
N CYS B 109 48.15 -24.54 15.73
CA CYS B 109 48.80 -23.39 16.37
C CYS B 109 48.16 -22.03 16.02
N GLY B 110 48.40 -21.04 16.87
CA GLY B 110 47.79 -19.73 16.76
C GLY B 110 48.56 -18.69 17.54
N GLU B 111 48.37 -17.42 17.18
CA GLU B 111 49.04 -16.33 17.90
C GLU B 111 48.13 -15.13 18.18
N ALA B 112 48.71 -14.13 18.83
CA ALA B 112 48.04 -12.88 19.18
C ALA B 112 49.10 -11.95 19.72
N THR B 113 48.86 -10.65 19.60
CA THR B 113 49.82 -9.68 20.07
C THR B 113 49.28 -8.95 21.30
N CYS B 114 50.08 -8.89 22.34
CA CYS B 114 49.68 -8.30 23.60
C CYS B 114 50.52 -7.09 23.84
N VAL B 115 50.07 -6.21 24.72
CA VAL B 115 50.82 -4.98 25.00
C VAL B 115 51.22 -4.87 26.46
N LEU B 116 52.33 -4.22 26.71
CA LEU B 116 52.86 -4.04 28.07
C LEU B 116 52.78 -2.56 28.45
N GLU B 117 52.47 -2.29 29.71
CA GLU B 117 52.37 -0.91 30.19
C GLU B 117 53.69 -0.18 29.98
N GLY B 118 54.78 -0.81 30.39
CA GLY B 118 56.10 -0.21 30.31
C GLY B 118 56.96 -0.65 29.14
N ASP B 119 56.46 -1.55 28.31
CA ASP B 119 57.31 -2.13 27.24
C ASP B 119 56.60 -2.35 25.90
N MET B 120 57.40 -2.58 24.87
CA MET B 120 56.90 -2.87 23.52
C MET B 120 56.03 -4.14 23.48
N ALA B 121 55.06 -4.15 22.56
CA ALA B 121 54.20 -5.31 22.32
C ALA B 121 54.94 -6.62 21.97
N TYR B 122 54.48 -7.73 22.55
CA TYR B 122 55.02 -9.06 22.29
C TYR B 122 53.92 -10.02 21.76
N THR B 123 54.35 -11.18 21.27
CA THR B 123 53.46 -12.20 20.72
C THR B 123 53.30 -13.36 21.68
N VAL B 124 52.09 -13.91 21.73
CA VAL B 124 51.81 -15.12 22.48
C VAL B 124 51.53 -16.24 21.48
N ASN B 125 52.17 -17.39 21.68
CA ASN B 125 52.00 -18.54 20.79
C ASN B 125 51.38 -19.68 21.53
N VAL B 126 50.46 -20.39 20.87
CA VAL B 126 49.86 -21.57 21.45
C VAL B 126 49.77 -22.65 20.39
N CYS B 127 50.12 -23.90 20.73
CA CYS B 127 49.84 -25.03 19.85
C CYS B 127 49.09 -26.10 20.60
N TYR B 128 48.10 -26.72 19.97
CA TYR B 128 47.30 -27.76 20.59
C TYR B 128 47.63 -29.08 19.95
N TYR B 129 47.42 -30.18 20.68
CA TYR B 129 47.79 -31.49 20.17
C TYR B 129 46.65 -32.43 20.28
N ASP B 130 46.51 -33.31 19.29
CA ASP B 130 45.56 -34.39 19.43
C ASP B 130 46.15 -35.71 18.99
N PRO B 131 45.92 -36.83 19.70
CA PRO B 131 45.15 -36.96 20.97
C PRO B 131 45.92 -36.38 22.11
N PRO B 132 45.25 -36.07 23.23
CA PRO B 132 46.04 -35.40 24.26
C PRO B 132 46.95 -36.45 24.95
N LEU B 133 47.97 -35.94 25.63
CA LEU B 133 48.92 -36.78 26.35
C LEU B 133 48.30 -37.64 27.43
N SER B 134 48.80 -38.84 27.55
CA SER B 134 48.35 -39.79 28.58
C SER B 134 49.50 -40.16 29.57
N ASP B 135 49.46 -41.40 30.06
CA ASP B 135 50.53 -41.95 30.90
C ASP B 135 51.83 -42.20 30.12
N TYR B 136 52.92 -42.25 30.88
CA TYR B 136 54.28 -42.51 30.42
C TYR B 136 54.39 -43.63 29.39
N TYR B 137 53.80 -44.80 29.68
CA TYR B 137 53.86 -45.95 28.79
C TYR B 137 53.08 -45.72 27.52
N THR B 138 51.89 -45.17 27.64
CA THR B 138 51.00 -44.98 26.48
C THR B 138 51.55 -43.96 25.46
N ASN B 139 52.19 -42.91 25.96
CA ASN B 139 52.76 -41.90 25.08
C ASN B 139 53.70 -42.44 24.00
N ALA B 140 54.32 -43.59 24.23
CA ALA B 140 55.08 -44.27 23.13
C ALA B 140 54.44 -45.60 22.72
N GLY B 141 54.20 -45.80 21.42
CA GLY B 141 53.29 -46.87 20.94
C GLY B 141 51.92 -46.29 20.60
N PHE C 10 4.89 -23.70 5.20
CA PHE C 10 5.99 -22.94 5.84
C PHE C 10 5.57 -22.38 7.21
N ASP C 11 6.28 -22.79 8.28
CA ASP C 11 6.01 -22.32 9.65
C ASP C 11 7.18 -21.54 10.29
N PRO C 12 7.04 -20.20 10.40
CA PRO C 12 8.15 -19.36 10.85
C PRO C 12 8.64 -19.60 12.28
N ASP C 13 7.82 -20.21 13.15
CA ASP C 13 8.25 -20.50 14.53
C ASP C 13 9.36 -21.53 14.50
N SER C 14 9.03 -22.70 13.93
CA SER C 14 9.94 -23.83 13.83
C SER C 14 11.19 -23.44 13.09
N PHE C 15 11.00 -22.65 12.04
CA PHE C 15 12.04 -22.22 11.15
C PHE C 15 13.15 -21.51 11.94
N LYS C 16 12.78 -20.54 12.75
CA LYS C 16 13.79 -19.83 13.52
C LYS C 16 14.46 -20.73 14.55
N ASN C 17 13.69 -21.59 15.23
CA ASN C 17 14.26 -22.53 16.22
C ASN C 17 15.36 -23.37 15.65
N LYS C 18 15.09 -23.98 14.50
CA LYS C 18 16.01 -24.90 13.91
C LYS C 18 17.29 -24.19 13.58
N TRP C 19 17.18 -23.05 12.92
CA TRP C 19 18.36 -22.27 12.58
C TRP C 19 19.14 -21.83 13.81
N LEU C 20 18.40 -21.37 14.82
CA LEU C 20 19.02 -20.92 16.06
C LEU C 20 19.66 -22.07 16.81
N GLU C 21 18.97 -23.20 16.91
CA GLU C 21 19.50 -24.37 17.61
C GLU C 21 20.81 -24.83 16.93
N LEU C 22 20.79 -25.00 15.61
CA LEU C 22 21.99 -25.35 14.86
C LEU C 22 23.13 -24.41 15.14
N HIS C 23 22.89 -23.12 14.98
CA HIS C 23 23.97 -22.16 15.18
C HIS C 23 24.51 -22.14 16.61
N ASN C 24 23.61 -22.14 17.57
CA ASN C 24 24.01 -22.05 18.95
C ASN C 24 24.64 -23.33 19.51
N ASN C 25 24.16 -24.50 19.10
CA ASN C 25 24.80 -25.76 19.55
C ASN C 25 26.27 -25.79 19.18
N GLU C 26 26.57 -25.34 17.98
CA GLU C 26 27.93 -25.25 17.54
C GLU C 26 28.67 -24.19 18.32
N ARG C 27 27.95 -23.18 18.78
CA ARG C 27 28.61 -22.08 19.45
C ARG C 27 28.84 -22.36 20.93
N THR C 28 27.87 -23.02 21.56
CA THR C 28 27.90 -23.34 22.97
C THR C 28 29.08 -24.22 23.30
N THR C 29 29.23 -25.29 22.53
CA THR C 29 30.30 -26.25 22.64
C THR C 29 31.64 -25.55 22.76
N ARG C 30 31.77 -24.45 22.05
CA ARG C 30 33.00 -23.67 22.01
C ARG C 30 33.00 -22.51 22.97
N GLN C 31 32.11 -22.55 23.98
CA GLN C 31 32.07 -21.53 25.03
C GLN C 31 31.95 -20.12 24.52
N LEU C 32 31.08 -19.99 23.52
CA LEU C 32 30.74 -18.69 22.96
C LEU C 32 29.30 -18.38 23.31
N ASP C 33 29.01 -17.08 23.44
CA ASP C 33 27.63 -16.64 23.69
C ASP C 33 26.70 -16.97 22.56
N SER C 34 25.45 -17.37 22.84
CA SER C 34 24.43 -17.59 21.80
C SER C 34 24.12 -16.35 20.91
N LEU C 35 23.68 -16.62 19.68
CA LEU C 35 23.25 -15.57 18.78
C LEU C 35 21.74 -15.37 18.88
N GLU C 36 21.30 -14.15 18.60
CA GLU C 36 19.85 -13.88 18.56
C GLU C 36 19.41 -13.65 17.13
N TRP C 37 18.12 -13.89 16.90
CA TRP C 37 17.47 -13.59 15.61
C TRP C 37 17.34 -12.10 15.32
N ASP C 38 17.49 -11.77 14.03
CA ASP C 38 17.22 -10.41 13.50
C ASP C 38 16.52 -10.58 12.17
N GLY C 39 15.25 -10.16 12.16
CA GLY C 39 14.36 -10.28 10.98
C GLY C 39 14.88 -9.56 9.73
N ASP C 40 15.40 -8.34 9.91
CA ASP C 40 16.09 -7.60 8.85
C ASP C 40 17.07 -8.48 8.07
N LEU C 41 17.92 -9.18 8.81
CA LEU C 41 18.87 -10.10 8.22
C LEU C 41 18.14 -11.28 7.59
N ALA C 42 17.15 -11.83 8.28
CA ALA C 42 16.40 -12.93 7.67
C ALA C 42 15.68 -12.54 6.36
N TRP C 43 15.26 -11.28 6.23
CA TRP C 43 14.63 -10.83 5.01
C TRP C 43 15.70 -10.74 3.94
N LYS C 44 16.77 -10.04 4.29
CA LYS C 44 17.91 -9.90 3.41
C LYS C 44 18.43 -11.29 2.96
N ALA C 45 18.38 -12.27 3.85
CA ALA C 45 18.79 -13.60 3.52
C ALA C 45 17.87 -14.13 2.47
N GLN C 46 16.59 -13.87 2.62
CA GLN C 46 15.62 -14.33 1.64
C GLN C 46 15.79 -13.62 0.29
N GLN C 47 16.18 -12.34 0.35
CA GLN C 47 16.41 -11.55 -0.83
C GLN C 47 17.45 -12.24 -1.70
N VAL C 48 18.49 -12.76 -1.06
CA VAL C 48 19.55 -13.42 -1.79
C VAL C 48 19.18 -14.84 -2.19
N ALA C 49 18.56 -15.55 -1.28
CA ALA C 49 18.17 -16.93 -1.54
C ALA C 49 17.27 -17.08 -2.71
N THR C 50 16.43 -16.07 -2.92
CA THR C 50 15.42 -16.12 -3.99
C THR C 50 15.99 -16.05 -5.40
N GLN C 51 17.20 -15.53 -5.56
CA GLN C 51 17.86 -15.47 -6.85
C GLN C 51 18.26 -16.81 -7.48
N CYS C 52 18.31 -17.87 -6.68
CA CYS C 52 18.69 -19.22 -7.11
C CYS C 52 20.07 -19.27 -7.72
N ASN C 53 20.96 -18.45 -7.19
CA ASN C 53 22.31 -18.37 -7.67
C ASN C 53 23.26 -18.54 -6.51
N VAL C 54 23.82 -19.74 -6.36
CA VAL C 54 24.84 -19.96 -5.32
C VAL C 54 26.16 -19.28 -5.64
N ASP C 55 26.57 -19.33 -6.92
CA ASP C 55 27.91 -18.88 -7.32
C ASP C 55 28.19 -17.39 -7.28
N ASN C 56 27.28 -16.58 -7.82
CA ASN C 56 27.50 -15.14 -7.84
C ASN C 56 26.25 -14.30 -7.87
N PRO C 57 25.46 -14.34 -6.78
CA PRO C 57 24.24 -13.56 -6.69
C PRO C 57 24.53 -12.08 -6.44
N GLN C 58 23.56 -11.23 -6.78
CA GLN C 58 23.68 -9.81 -6.51
C GLN C 58 23.47 -9.49 -5.05
N LEU C 59 24.28 -8.57 -4.55
CA LEU C 59 24.23 -8.19 -3.14
C LEU C 59 24.20 -6.68 -3.00
N TRP C 60 23.83 -6.24 -1.80
CA TRP C 60 23.78 -4.81 -1.51
C TRP C 60 24.07 -4.55 -0.04
N GLY C 61 24.52 -3.34 0.24
CA GLY C 61 24.79 -2.88 1.60
C GLY C 61 26.25 -3.00 1.99
N ASP C 62 26.64 -2.28 3.03
CA ASP C 62 27.95 -2.43 3.65
C ASP C 62 28.27 -3.88 4.04
N ASN C 63 27.27 -4.58 4.58
CA ASN C 63 27.41 -5.92 5.08
C ASN C 63 26.84 -6.96 4.11
N GLY C 64 26.94 -6.65 2.81
CA GLY C 64 26.34 -7.52 1.81
C GLY C 64 26.95 -8.90 1.75
N ALA C 65 28.26 -8.98 1.95
CA ALA C 65 28.97 -10.26 1.79
C ALA C 65 28.97 -11.13 3.06
N SER C 66 28.46 -10.60 4.16
CA SER C 66 28.47 -11.25 5.42
C SER C 66 27.39 -12.35 5.53
N PHE C 67 27.49 -13.38 4.73
CA PHE C 67 26.45 -14.43 4.83
C PHE C 67 26.97 -15.79 4.41
N ASN C 68 26.23 -16.82 4.78
CA ASN C 68 26.52 -18.18 4.36
C ASN C 68 25.47 -18.68 3.43
N ILE C 69 25.87 -19.53 2.48
CA ILE C 69 24.97 -20.06 1.45
C ILE C 69 25.28 -21.50 1.07
N GLY C 70 24.24 -22.28 0.79
CA GLY C 70 24.35 -23.71 0.51
C GLY C 70 23.01 -24.42 0.44
N ARG C 71 22.95 -25.59 -0.17
CA ARG C 71 21.62 -26.18 -0.48
C ARG C 71 21.08 -27.28 0.39
N TYR C 72 19.94 -27.80 -0.03
CA TYR C 72 19.16 -28.87 0.59
C TYR C 72 18.68 -28.54 1.99
N THR C 73 18.60 -29.53 2.87
CA THR C 73 18.09 -29.30 4.22
C THR C 73 19.08 -28.50 5.05
N LYS C 74 18.55 -27.88 6.10
CA LYS C 74 19.34 -27.02 6.97
C LYS C 74 20.54 -27.75 7.56
N GLU C 75 20.32 -28.97 8.02
CA GLU C 75 21.37 -29.77 8.59
C GLU C 75 22.49 -29.94 7.59
N GLN C 76 22.14 -30.33 6.37
CA GLN C 76 23.15 -30.50 5.33
C GLN C 76 23.89 -29.21 5.02
N ALA C 77 23.14 -28.12 4.90
CA ALA C 77 23.76 -26.85 4.55
C ALA C 77 24.67 -26.36 5.65
N PHE C 78 24.21 -26.51 6.89
CA PHE C 78 24.98 -26.06 8.02
C PHE C 78 26.23 -26.91 8.15
N ALA C 79 26.09 -28.22 8.00
CA ALA C 79 27.21 -29.14 8.14
C ALA C 79 28.32 -28.82 7.14
N GLU C 80 27.93 -28.54 5.91
CA GLU C 80 28.90 -28.22 4.90
C GLU C 80 29.66 -26.94 5.30
N TRP C 81 29.01 -26.04 6.02
CA TRP C 81 29.70 -24.81 6.44
C TRP C 81 30.67 -25.05 7.55
N THR C 82 30.26 -25.93 8.50
CA THR C 82 31.08 -26.26 9.67
C THR C 82 32.27 -27.12 9.29
N ALA C 83 32.01 -28.06 8.38
CA ALA C 83 33.02 -28.95 7.84
C ALA C 83 34.23 -28.20 7.27
N THR C 84 34.15 -26.90 7.19
CA THR C 84 35.27 -26.16 6.70
C THR C 84 36.22 -25.78 7.82
N SER C 85 35.91 -26.14 9.06
CA SER C 85 36.75 -25.82 10.22
C SER C 85 38.18 -26.29 10.05
N GLY C 86 38.31 -27.51 9.50
CA GLY C 86 39.56 -28.14 9.15
C GLY C 86 40.67 -27.26 8.63
N SER C 87 40.36 -26.30 7.79
CA SER C 87 41.45 -25.55 7.16
C SER C 87 41.76 -24.27 7.87
N PHE C 88 41.19 -24.07 9.07
CA PHE C 88 41.45 -22.80 9.75
C PHE C 88 42.94 -22.68 10.03
N PRO C 89 43.56 -21.52 9.87
CA PRO C 89 42.99 -20.24 9.50
C PRO C 89 43.05 -19.90 7.98
N ASP C 90 42.96 -20.90 7.09
CA ASP C 90 42.81 -20.60 5.65
C ASP C 90 41.45 -19.94 5.33
N ASP C 91 41.43 -19.11 4.29
CA ASP C 91 40.20 -18.48 3.84
C ASP C 91 39.07 -19.44 3.42
N ARG C 92 39.38 -20.68 3.07
CA ARG C 92 38.36 -21.73 2.88
C ARG C 92 37.50 -22.01 4.11
N SER C 93 38.00 -21.70 5.31
CA SER C 93 37.24 -21.89 6.55
C SER C 93 36.38 -20.68 6.96
N ILE C 94 36.33 -19.65 6.11
CA ILE C 94 35.51 -18.45 6.36
C ILE C 94 34.01 -18.77 6.69
N PRO C 95 33.36 -19.65 5.93
CA PRO C 95 32.01 -20.12 6.33
C PRO C 95 31.86 -20.49 7.80
N TRP C 96 32.73 -21.36 8.27
CA TRP C 96 32.71 -21.80 9.66
C TRP C 96 33.03 -20.62 10.55
N GLN C 97 33.97 -19.78 10.11
CA GLN C 97 34.37 -18.63 10.90
C GLN C 97 33.19 -17.68 11.19
N ARG C 98 32.31 -17.48 10.20
CA ARG C 98 31.19 -16.59 10.36
C ARG C 98 30.33 -17.06 11.52
N ILE C 99 30.12 -18.37 11.64
CA ILE C 99 29.32 -18.96 12.69
C ILE C 99 29.94 -18.78 14.09
N VAL C 100 31.24 -18.86 14.13
CA VAL C 100 31.93 -18.92 15.40
C VAL C 100 32.64 -17.62 15.77
N ALA C 101 32.43 -16.55 15.00
CA ALA C 101 33.14 -15.28 15.29
C ALA C 101 32.78 -14.73 16.65
N ASN C 102 33.76 -14.34 17.43
CA ASN C 102 33.51 -13.77 18.74
C ASN C 102 32.61 -12.56 18.62
N SER C 103 32.85 -11.76 17.60
CA SER C 103 32.14 -10.52 17.43
C SER C 103 30.66 -10.68 17.03
N ALA C 104 30.28 -11.83 16.47
CA ALA C 104 28.87 -12.07 16.10
C ALA C 104 27.87 -11.92 17.23
N GLN C 105 26.79 -11.20 16.94
CA GLN C 105 25.67 -11.01 17.86
C GLN C 105 24.40 -11.62 17.29
N LYS C 106 24.17 -11.35 16.01
CA LYS C 106 22.90 -11.74 15.40
C LYS C 106 23.02 -12.56 14.14
N VAL C 107 22.05 -13.46 13.98
CA VAL C 107 21.88 -14.22 12.75
C VAL C 107 20.45 -14.07 12.13
N GLY C 108 20.38 -14.02 10.81
CA GLY C 108 19.11 -14.10 10.10
C GLY C 108 19.16 -15.07 8.95
N CYS C 109 18.25 -16.06 8.92
CA CYS C 109 18.22 -17.05 7.84
C CYS C 109 16.93 -16.99 6.97
N GLY C 110 17.05 -17.44 5.71
CA GLY C 110 15.99 -17.44 4.72
C GLY C 110 16.14 -18.55 3.69
N GLU C 111 15.04 -18.90 3.04
CA GLU C 111 15.08 -19.97 2.05
C GLU C 111 14.31 -19.65 0.76
N ALA C 112 14.50 -20.52 -0.22
CA ALA C 112 13.87 -20.38 -1.51
C ALA C 112 13.92 -21.71 -2.16
N THR C 113 12.89 -22.06 -2.91
CA THR C 113 12.88 -23.31 -3.62
C THR C 113 13.21 -23.03 -5.06
N CYS C 114 14.24 -23.66 -5.57
CA CYS C 114 14.63 -23.47 -6.96
C CYS C 114 14.33 -24.71 -7.73
N VAL C 115 14.08 -24.57 -9.02
CA VAL C 115 13.83 -25.76 -9.82
C VAL C 115 15.03 -26.05 -10.68
N LEU C 116 15.60 -27.24 -10.48
CA LEU C 116 16.68 -27.70 -11.33
C LEU C 116 16.02 -27.89 -12.69
N GLU C 117 16.79 -27.88 -13.76
CA GLU C 117 16.19 -28.03 -15.07
C GLU C 117 15.47 -29.36 -15.11
N GLY C 118 14.24 -29.31 -15.60
CA GLY C 118 13.38 -30.49 -15.74
C GLY C 118 13.12 -31.18 -14.42
N ASP C 119 13.41 -32.47 -14.39
CA ASP C 119 13.21 -33.29 -13.21
C ASP C 119 14.10 -32.82 -12.06
N MET C 120 13.50 -32.92 -10.88
CA MET C 120 14.03 -32.60 -9.52
C MET C 120 13.91 -31.13 -9.15
N ALA C 121 13.74 -30.91 -7.86
CA ALA C 121 13.61 -29.56 -7.33
C ALA C 121 14.34 -29.53 -6.02
N TYR C 122 14.93 -28.40 -5.68
CA TYR C 122 15.71 -28.35 -4.47
C TYR C 122 15.62 -27.02 -3.75
N THR C 123 16.18 -26.98 -2.55
CA THR C 123 16.11 -25.77 -1.73
C THR C 123 17.41 -24.99 -1.63
N VAL C 124 17.36 -23.69 -1.46
CA VAL C 124 18.58 -22.92 -1.23
C VAL C 124 18.50 -22.11 0.08
N ASN C 125 19.56 -22.18 0.88
CA ASN C 125 19.57 -21.55 2.20
C ASN C 125 20.59 -20.47 2.34
N VAL C 126 20.20 -19.39 3.02
CA VAL C 126 21.10 -18.27 3.23
C VAL C 126 20.95 -17.77 4.65
N CYS C 127 22.06 -17.53 5.34
CA CYS C 127 22.03 -16.98 6.68
C CYS C 127 22.95 -15.80 6.73
N TYR C 128 22.51 -14.72 7.36
CA TYR C 128 23.31 -13.51 7.46
C TYR C 128 23.77 -13.32 8.90
N TYR C 129 24.90 -12.64 9.08
CA TYR C 129 25.43 -12.44 10.43
C TYR C 129 25.70 -11.00 10.64
N ASP C 130 25.51 -10.54 11.89
CA ASP C 130 25.88 -9.18 12.25
C ASP C 130 26.63 -9.21 13.59
N PRO C 131 27.71 -8.43 13.74
CA PRO C 131 28.37 -7.57 12.73
C PRO C 131 29.08 -8.36 11.67
N PRO C 132 29.55 -7.71 10.55
CA PRO C 132 30.37 -8.48 9.60
C PRO C 132 31.63 -9.05 10.29
N LEU C 133 31.91 -10.32 10.04
CA LEU C 133 33.10 -11.01 10.52
C LEU C 133 34.41 -10.21 10.34
N SER C 134 35.15 -10.02 11.42
CA SER C 134 36.49 -9.45 11.36
C SER C 134 37.50 -10.57 11.10
N ASP C 135 38.75 -10.23 10.89
CA ASP C 135 39.73 -11.28 10.68
C ASP C 135 40.60 -11.48 11.93
N TYR C 136 40.92 -12.74 12.15
CA TYR C 136 41.73 -13.19 13.27
C TYR C 136 43.18 -12.72 13.25
N TYR C 137 43.81 -12.63 12.08
CA TYR C 137 45.21 -12.15 12.06
C TYR C 137 45.40 -10.84 11.28
N THR C 138 46.20 -9.94 11.85
CA THR C 138 46.47 -8.59 11.33
C THR C 138 46.70 -8.50 9.81
N GLN D 9 -7.94 21.26 7.11
CA GLN D 9 -7.95 21.34 5.62
C GLN D 9 -7.10 20.20 5.00
N PHE D 10 -6.59 20.39 3.78
CA PHE D 10 -5.99 19.30 3.02
C PHE D 10 -5.10 19.80 1.88
N ASP D 11 -4.06 19.04 1.57
CA ASP D 11 -3.17 19.37 0.47
C ASP D 11 -2.75 18.12 -0.29
N PRO D 12 -3.72 17.50 -0.97
CA PRO D 12 -3.69 16.22 -1.68
C PRO D 12 -2.36 15.89 -2.36
N ASP D 13 -1.79 16.83 -3.11
CA ASP D 13 -0.54 16.57 -3.81
C ASP D 13 0.55 16.23 -2.81
N SER D 14 0.69 17.07 -1.78
CA SER D 14 1.70 16.90 -0.74
C SER D 14 1.45 15.60 0.01
N PHE D 15 0.19 15.37 0.32
CA PHE D 15 -0.20 14.19 1.05
C PHE D 15 0.18 12.93 0.27
N LYS D 16 -0.05 12.93 -1.04
CA LYS D 16 0.29 11.79 -1.87
C LYS D 16 1.79 11.56 -1.86
N ASN D 17 2.56 12.65 -1.96
CA ASN D 17 4.01 12.55 -2.00
C ASN D 17 4.59 11.96 -0.76
N LYS D 18 4.10 12.40 0.39
CA LYS D 18 4.66 11.95 1.63
C LYS D 18 4.53 10.46 1.80
N TRP D 19 3.36 9.92 1.55
CA TRP D 19 3.20 8.49 1.75
C TRP D 19 4.05 7.69 0.82
N LEU D 20 4.17 8.16 -0.42
CA LEU D 20 5.01 7.50 -1.40
C LEU D 20 6.48 7.60 -0.99
N GLU D 21 6.89 8.79 -0.55
CA GLU D 21 8.25 9.03 -0.10
C GLU D 21 8.62 8.06 1.04
N LEU D 22 7.80 8.00 2.07
CA LEU D 22 8.00 7.04 3.16
C LEU D 22 8.10 5.61 2.68
N HIS D 23 7.08 5.14 1.99
CA HIS D 23 7.10 3.77 1.49
C HIS D 23 8.27 3.53 0.54
N ASN D 24 8.44 4.39 -0.46
CA ASN D 24 9.53 4.18 -1.42
C ASN D 24 10.94 4.28 -0.86
N ASN D 25 11.16 5.18 0.10
CA ASN D 25 12.49 5.28 0.71
C ASN D 25 12.90 3.96 1.33
N GLU D 26 11.99 3.33 2.05
CA GLU D 26 12.25 2.07 2.63
C GLU D 26 12.55 1.06 1.53
N ARG D 27 11.74 1.06 0.48
CA ARG D 27 11.91 0.14 -0.62
C ARG D 27 13.16 0.37 -1.47
N THR D 28 13.50 1.64 -1.68
CA THR D 28 14.63 1.99 -2.49
C THR D 28 15.93 1.47 -1.88
N THR D 29 16.04 1.59 -0.56
CA THR D 29 17.20 1.16 0.17
C THR D 29 17.44 -0.33 0.07
N ARG D 30 16.37 -1.10 0.02
CA ARG D 30 16.45 -2.54 -0.06
C ARG D 30 16.32 -3.07 -1.45
N GLN D 31 16.66 -2.24 -2.44
CA GLN D 31 16.67 -2.63 -3.85
C GLN D 31 15.36 -3.18 -4.32
N LEU D 32 14.29 -2.50 -3.95
CA LEU D 32 12.96 -2.92 -4.34
C LEU D 32 12.35 -1.95 -5.33
N ASP D 33 11.41 -2.46 -6.12
CA ASP D 33 10.69 -1.61 -7.06
C ASP D 33 9.82 -0.59 -6.36
N SER D 34 9.82 0.66 -6.84
CA SER D 34 8.95 1.70 -6.27
C SER D 34 7.48 1.30 -6.34
N LEU D 35 6.72 1.73 -5.35
CA LEU D 35 5.30 1.45 -5.35
C LEU D 35 4.59 2.53 -6.11
N GLU D 36 3.43 2.21 -6.66
CA GLU D 36 2.65 3.19 -7.40
C GLU D 36 1.34 3.50 -6.70
N TRP D 37 0.92 4.77 -6.76
CA TRP D 37 -0.37 5.21 -6.14
C TRP D 37 -1.63 4.67 -6.80
N ASP D 38 -2.63 4.34 -6.01
CA ASP D 38 -3.89 3.84 -6.53
C ASP D 38 -5.05 4.38 -5.71
N GLY D 39 -5.79 5.30 -6.36
CA GLY D 39 -6.91 6.05 -5.73
C GLY D 39 -8.01 5.15 -5.20
N ASP D 40 -8.37 4.09 -5.97
CA ASP D 40 -9.43 3.16 -5.51
C ASP D 40 -9.06 2.63 -4.10
N LEU D 41 -7.79 2.27 -3.91
CA LEU D 41 -7.26 1.88 -2.62
C LEU D 41 -7.28 3.05 -1.64
N ALA D 42 -6.70 4.19 -2.02
CA ALA D 42 -6.70 5.37 -1.13
C ALA D 42 -8.12 5.77 -0.66
N TRP D 43 -9.10 5.49 -1.51
CA TRP D 43 -10.49 5.65 -1.15
C TRP D 43 -10.88 4.59 -0.14
N LYS D 44 -10.74 3.31 -0.52
CA LYS D 44 -11.04 2.20 0.38
C LYS D 44 -10.36 2.40 1.74
N ALA D 45 -9.21 3.07 1.75
CA ALA D 45 -8.49 3.36 2.96
C ALA D 45 -9.23 4.35 3.82
N GLN D 46 -9.67 5.44 3.21
CA GLN D 46 -10.36 6.49 3.94
C GLN D 46 -11.72 6.01 4.46
N GLN D 47 -12.35 5.11 3.73
CA GLN D 47 -13.58 4.47 4.16
C GLN D 47 -13.33 3.85 5.48
N VAL D 48 -12.16 3.23 5.63
CA VAL D 48 -11.83 2.55 6.87
C VAL D 48 -11.42 3.53 7.96
N ALA D 49 -10.56 4.48 7.62
CA ALA D 49 -10.08 5.48 8.58
C ALA D 49 -11.19 6.23 9.31
N THR D 50 -12.26 6.57 8.60
CA THR D 50 -13.33 7.42 9.17
C THR D 50 -14.14 6.72 10.24
N GLN D 51 -14.12 5.39 10.28
CA GLN D 51 -14.78 4.67 11.38
C GLN D 51 -14.21 4.88 12.81
N CYS D 52 -12.99 5.40 12.93
CA CYS D 52 -12.26 5.59 14.22
C CYS D 52 -12.18 4.32 15.08
N ASN D 53 -12.05 3.17 14.43
CA ASN D 53 -12.01 1.90 15.12
C ASN D 53 -10.81 1.06 14.61
N VAL D 54 -9.66 1.33 15.22
CA VAL D 54 -8.40 0.65 14.94
C VAL D 54 -8.41 -0.87 15.18
N ASP D 55 -9.09 -1.34 16.23
CA ASP D 55 -9.06 -2.77 16.55
C ASP D 55 -9.94 -3.67 15.70
N ASN D 56 -11.16 -3.23 15.40
CA ASN D 56 -12.07 -4.05 14.62
C ASN D 56 -12.99 -3.25 13.70
N PRO D 57 -12.43 -2.66 12.63
CA PRO D 57 -13.23 -1.88 11.70
C PRO D 57 -14.03 -2.80 10.74
N GLN D 58 -15.13 -2.29 10.19
CA GLN D 58 -15.93 -3.03 9.22
C GLN D 58 -15.14 -3.04 7.92
N LEU D 59 -14.97 -4.22 7.35
CA LEU D 59 -14.17 -4.37 6.15
C LEU D 59 -14.95 -5.01 5.05
N TRP D 60 -14.72 -4.53 3.83
CA TRP D 60 -15.46 -5.06 2.69
C TRP D 60 -14.48 -5.44 1.60
N GLY D 61 -14.86 -6.41 0.78
CA GLY D 61 -14.06 -6.77 -0.39
C GLY D 61 -13.18 -7.98 -0.21
N ASP D 62 -12.66 -8.46 -1.35
CA ASP D 62 -11.76 -9.61 -1.41
C ASP D 62 -10.48 -9.31 -0.66
N ASN D 63 -9.90 -8.15 -0.91
CA ASN D 63 -8.67 -7.74 -0.27
C ASN D 63 -9.03 -6.74 0.84
N GLY D 64 -10.02 -7.11 1.63
CA GLY D 64 -10.43 -6.26 2.75
C GLY D 64 -9.39 -6.13 3.84
N ALA D 65 -8.65 -7.22 4.09
CA ALA D 65 -7.67 -7.24 5.17
C ALA D 65 -6.30 -6.69 4.78
N SER D 66 -6.10 -6.45 3.50
CA SER D 66 -4.82 -6.00 3.01
C SER D 66 -4.44 -4.57 3.33
N PHE D 67 -4.24 -4.24 4.62
CA PHE D 67 -3.87 -2.83 4.93
C PHE D 67 -3.16 -2.67 6.26
N ASN D 68 -2.49 -1.52 6.39
CA ASN D 68 -1.88 -1.05 7.61
C ASN D 68 -2.66 0.09 8.24
N ILE D 69 -2.81 0.05 9.56
CA ILE D 69 -3.56 1.06 10.30
C ILE D 69 -2.78 1.54 11.52
N GLY D 70 -2.82 2.86 11.79
CA GLY D 70 -2.21 3.42 12.99
C GLY D 70 -2.39 4.91 13.24
N ARG D 71 -2.13 5.33 14.49
CA ARG D 71 -2.41 6.69 14.97
C ARG D 71 -1.33 7.71 14.73
N TYR D 72 -1.65 8.96 15.03
CA TYR D 72 -0.75 10.15 14.98
C TYR D 72 -0.22 10.54 13.62
N THR D 73 0.89 11.24 13.56
CA THR D 73 1.43 11.69 12.27
C THR D 73 1.89 10.52 11.43
N LYS D 74 1.93 10.77 10.13
CA LYS D 74 2.26 9.72 9.18
C LYS D 74 3.60 9.07 9.50
N GLU D 75 4.61 9.89 9.77
CA GLU D 75 5.93 9.37 10.04
C GLU D 75 5.88 8.47 11.26
N GLN D 76 5.21 8.92 12.31
CA GLN D 76 5.10 8.10 13.49
C GLN D 76 4.40 6.79 13.17
N ALA D 77 3.30 6.87 12.45
CA ALA D 77 2.54 5.66 12.15
C ALA D 77 3.33 4.70 11.30
N PHE D 78 4.08 5.26 10.35
CA PHE D 78 4.89 4.48 9.44
C PHE D 78 5.98 3.78 10.23
N ALA D 79 6.61 4.55 11.12
CA ALA D 79 7.71 4.07 11.92
C ALA D 79 7.29 2.84 12.74
N GLU D 80 6.12 2.92 13.35
CA GLU D 80 5.61 1.83 14.10
C GLU D 80 5.42 0.60 13.22
N TRP D 81 5.15 0.81 11.94
CA TRP D 81 4.99 -0.35 11.06
C TRP D 81 6.34 -0.95 10.70
N THR D 82 7.31 -0.09 10.46
CA THR D 82 8.63 -0.54 10.07
C THR D 82 9.38 -1.11 11.28
N ALA D 83 9.04 -0.63 12.48
CA ALA D 83 9.65 -1.14 13.71
C ALA D 83 9.33 -2.62 14.01
N THR D 84 8.40 -3.22 13.31
CA THR D 84 8.06 -4.64 13.47
C THR D 84 8.99 -5.57 12.66
N SER D 85 9.95 -4.97 11.94
CA SER D 85 10.84 -5.75 11.05
C SER D 85 11.58 -6.86 11.76
N GLY D 86 12.04 -6.59 13.01
CA GLY D 86 12.80 -7.58 13.80
C GLY D 86 12.25 -9.00 13.90
N SER D 87 10.94 -9.10 13.99
CA SER D 87 10.25 -10.34 14.22
C SER D 87 10.32 -11.25 12.98
N PHE D 88 10.47 -10.65 11.78
CA PHE D 88 10.37 -11.34 10.47
C PHE D 88 11.13 -12.65 10.36
N PRO D 89 10.50 -13.73 9.87
CA PRO D 89 9.21 -13.73 9.18
C PRO D 89 8.06 -14.19 10.08
N ASP D 90 8.03 -13.65 11.29
CA ASP D 90 6.92 -13.94 12.18
C ASP D 90 5.71 -13.04 11.87
N ASP D 91 4.52 -13.44 12.34
CA ASP D 91 3.27 -12.69 12.13
C ASP D 91 3.29 -11.24 12.60
N ARG D 92 4.08 -10.96 13.62
CA ARG D 92 4.16 -9.63 14.19
C ARG D 92 4.82 -8.61 13.27
N SER D 93 5.63 -9.08 12.33
CA SER D 93 6.25 -8.21 11.35
C SER D 93 5.37 -8.02 10.08
N ILE D 94 4.21 -8.66 10.03
CA ILE D 94 3.28 -8.50 8.88
C ILE D 94 3.09 -7.03 8.39
N PRO D 95 2.90 -6.08 9.30
CA PRO D 95 2.91 -4.67 8.91
C PRO D 95 4.09 -4.31 8.05
N TRP D 96 5.27 -4.70 8.49
CA TRP D 96 6.45 -4.40 7.72
C TRP D 96 6.44 -5.25 6.46
N GLN D 97 5.88 -6.45 6.55
CA GLN D 97 5.87 -7.34 5.42
C GLN D 97 5.13 -6.73 4.24
N ARG D 98 4.00 -6.09 4.50
CA ARG D 98 3.22 -5.48 3.45
C ARG D 98 4.01 -4.44 2.73
N ILE D 99 4.73 -3.63 3.47
CA ILE D 99 5.48 -2.55 2.89
C ILE D 99 6.66 -3.00 2.04
N VAL D 100 7.23 -4.15 2.32
CA VAL D 100 8.38 -4.60 1.55
C VAL D 100 8.17 -5.83 0.67
N ALA D 101 6.97 -6.36 0.59
CA ALA D 101 6.81 -7.54 -0.23
C ALA D 101 7.06 -7.21 -1.68
N ASN D 102 7.95 -7.97 -2.31
CA ASN D 102 8.31 -7.72 -3.70
C ASN D 102 7.08 -7.72 -4.62
N SER D 103 6.14 -8.59 -4.30
CA SER D 103 4.93 -8.74 -5.06
C SER D 103 4.04 -7.49 -5.04
N ALA D 104 4.07 -6.73 -3.97
CA ALA D 104 3.22 -5.54 -3.91
C ALA D 104 3.52 -4.55 -5.02
N GLN D 105 2.47 -4.13 -5.73
CA GLN D 105 2.59 -3.20 -6.86
C GLN D 105 2.16 -1.79 -6.46
N LYS D 106 1.03 -1.74 -5.74
CA LYS D 106 0.39 -0.46 -5.47
C LYS D 106 -0.05 -0.23 -4.04
N VAL D 107 0.00 1.05 -3.66
CA VAL D 107 -0.42 1.49 -2.34
C VAL D 107 -1.37 2.71 -2.41
N GLY D 108 -2.36 2.72 -1.54
CA GLY D 108 -3.21 3.89 -1.35
C GLY D 108 -3.47 4.16 0.10
N CYS D 109 -3.31 5.42 0.51
CA CYS D 109 -3.49 5.81 1.91
C CYS D 109 -4.63 6.81 2.20
N GLY D 110 -5.17 6.70 3.41
CA GLY D 110 -6.21 7.57 3.92
C GLY D 110 -5.94 8.11 5.30
N GLU D 111 -6.67 9.17 5.63
CA GLU D 111 -6.54 9.90 6.88
C GLU D 111 -7.94 10.22 7.37
N ALA D 112 -8.07 10.23 8.69
CA ALA D 112 -9.29 10.67 9.34
C ALA D 112 -8.86 11.38 10.61
N THR D 113 -9.70 12.27 11.12
CA THR D 113 -9.39 12.93 12.36
C THR D 113 -10.39 12.48 13.39
N CYS D 114 -9.93 11.76 14.40
CA CYS D 114 -10.84 11.28 15.44
C CYS D 114 -10.55 11.96 16.74
N VAL D 115 -11.35 11.65 17.76
CA VAL D 115 -11.19 12.30 19.04
C VAL D 115 -11.71 11.44 20.19
N LEU D 116 -10.79 11.03 21.07
CA LEU D 116 -11.15 10.30 22.29
C LEU D 116 -11.76 11.33 23.21
N GLU D 117 -12.71 10.90 24.04
CA GLU D 117 -13.42 11.84 24.91
C GLU D 117 -12.47 12.63 25.79
N GLY D 118 -12.61 13.94 25.77
CA GLY D 118 -11.75 14.83 26.54
C GLY D 118 -10.26 14.56 26.36
N ASP D 119 -9.84 14.41 25.11
CA ASP D 119 -8.42 14.14 24.84
C ASP D 119 -7.93 14.72 23.53
N MET D 120 -8.20 16.01 23.33
CA MET D 120 -7.84 16.74 22.11
C MET D 120 -8.35 15.97 20.89
N ALA D 121 -7.50 15.79 19.90
CA ALA D 121 -7.87 15.06 18.71
C ALA D 121 -6.64 14.57 18.00
N TYR D 122 -6.71 13.38 17.43
CA TYR D 122 -5.56 12.81 16.76
C TYR D 122 -5.94 12.29 15.37
N THR D 123 -4.94 11.97 14.58
CA THR D 123 -5.16 11.48 13.22
C THR D 123 -5.12 9.95 13.12
N VAL D 124 -6.08 9.33 12.45
CA VAL D 124 -5.97 7.89 12.16
C VAL D 124 -5.61 7.61 10.69
N ASN D 125 -4.50 6.90 10.49
CA ASN D 125 -3.99 6.57 9.18
C ASN D 125 -4.22 5.16 8.73
N VAL D 126 -4.53 5.00 7.44
CA VAL D 126 -4.70 3.66 6.87
C VAL D 126 -4.08 3.63 5.46
N CYS D 127 -3.27 2.62 5.15
CA CYS D 127 -2.73 2.45 3.80
C CYS D 127 -3.08 1.07 3.31
N TYR D 128 -3.54 0.97 2.07
CA TYR D 128 -3.95 -0.30 1.48
C TYR D 128 -2.90 -0.76 0.48
N TYR D 129 -2.83 -2.07 0.24
CA TYR D 129 -1.80 -2.62 -0.67
C TYR D 129 -2.43 -3.52 -1.68
N ASP D 130 -1.88 -3.45 -2.92
CA ASP D 130 -2.31 -4.43 -3.92
C ASP D 130 -1.11 -4.97 -4.66
N PRO D 131 -1.04 -6.29 -4.88
CA PRO D 131 -2.03 -7.29 -4.40
C PRO D 131 -1.85 -7.61 -2.94
N PRO D 132 -2.81 -8.34 -2.32
CA PRO D 132 -2.66 -8.72 -0.90
C PRO D 132 -1.50 -9.69 -0.69
N LEU D 133 -0.92 -9.70 0.51
CA LEU D 133 0.13 -10.68 0.86
C LEU D 133 -0.39 -12.10 0.84
N SER D 134 0.51 -12.99 0.41
CA SER D 134 0.24 -14.41 0.37
C SER D 134 1.24 -15.13 1.29
N ASP D 135 1.63 -16.34 0.92
CA ASP D 135 2.59 -17.16 1.66
C ASP D 135 4.00 -16.58 1.56
N TYR D 136 4.79 -16.84 2.61
CA TYR D 136 6.22 -16.42 2.72
C TYR D 136 6.99 -16.40 1.39
N TYR D 137 6.92 -17.52 0.66
CA TYR D 137 7.61 -17.66 -0.61
C TYR D 137 7.12 -16.68 -1.66
N THR D 138 5.81 -16.41 -1.71
CA THR D 138 5.20 -15.53 -2.75
C THR D 138 5.64 -14.06 -2.66
N ASN D 139 5.56 -13.51 -1.45
CA ASN D 139 5.83 -12.10 -1.23
C ASN D 139 7.15 -11.60 -1.78
N ALA D 140 8.14 -12.49 -1.92
CA ALA D 140 9.37 -12.14 -2.61
C ALA D 140 9.38 -12.82 -3.97
N GLY D 141 9.73 -12.08 -5.01
CA GLY D 141 9.85 -12.66 -6.37
C GLY D 141 8.52 -13.14 -6.93
N GLN E 9 -37.95 12.39 -30.22
CA GLN E 9 -37.35 11.13 -29.72
C GLN E 9 -36.75 11.27 -28.32
N PHE E 10 -37.49 10.80 -27.31
CA PHE E 10 -37.11 10.92 -25.89
C PHE E 10 -38.07 10.18 -24.93
N ASP E 11 -37.53 9.26 -24.13
CA ASP E 11 -38.34 8.61 -23.10
C ASP E 11 -37.75 8.83 -21.71
N PRO E 12 -38.37 9.75 -20.96
CA PRO E 12 -37.93 10.17 -19.63
C PRO E 12 -37.80 9.03 -18.62
N ASP E 13 -38.80 8.16 -18.53
CA ASP E 13 -38.77 7.09 -17.53
C ASP E 13 -37.53 6.20 -17.67
N SER E 14 -37.21 5.80 -18.89
CA SER E 14 -36.05 4.97 -19.14
C SER E 14 -34.75 5.77 -18.90
N PHE E 15 -34.77 7.02 -19.35
CA PHE E 15 -33.67 7.95 -19.18
C PHE E 15 -33.26 8.08 -17.71
N LYS E 16 -34.23 8.31 -16.84
CA LYS E 16 -33.95 8.45 -15.42
C LYS E 16 -33.40 7.14 -14.88
N ASN E 17 -34.01 6.03 -15.26
CA ASN E 17 -33.55 4.77 -14.74
C ASN E 17 -32.14 4.41 -15.15
N LYS E 18 -31.79 4.71 -16.39
CA LYS E 18 -30.46 4.40 -16.85
C LYS E 18 -29.42 5.18 -16.07
N TRP E 19 -29.63 6.47 -15.86
CA TRP E 19 -28.63 7.28 -15.17
C TRP E 19 -28.55 6.87 -13.70
N LEU E 20 -29.67 6.52 -13.09
CA LEU E 20 -29.67 6.02 -11.73
C LEU E 20 -28.92 4.70 -11.57
N GLU E 21 -29.19 3.75 -12.46
CA GLU E 21 -28.51 2.45 -12.44
C GLU E 21 -26.98 2.65 -12.55
N LEU E 22 -26.51 3.38 -13.55
CA LEU E 22 -25.10 3.78 -13.64
C LEU E 22 -24.50 4.29 -12.32
N HIS E 23 -25.13 5.31 -11.75
CA HIS E 23 -24.66 5.90 -10.50
C HIS E 23 -24.76 4.91 -9.36
N ASN E 24 -25.92 4.28 -9.19
CA ASN E 24 -26.12 3.39 -8.07
C ASN E 24 -25.34 2.08 -8.11
N ASN E 25 -25.10 1.54 -9.30
CA ASN E 25 -24.20 0.38 -9.44
C ASN E 25 -22.82 0.67 -8.85
N GLU E 26 -22.26 1.81 -9.25
CA GLU E 26 -21.01 2.28 -8.72
C GLU E 26 -21.02 2.41 -7.19
N ARG E 27 -22.10 2.95 -6.67
CA ARG E 27 -22.26 3.17 -5.25
C ARG E 27 -22.53 1.91 -4.44
N THR E 28 -23.33 0.98 -4.98
CA THR E 28 -23.68 -0.25 -4.29
C THR E 28 -22.42 -1.08 -4.07
N THR E 29 -21.57 -1.14 -5.11
CA THR E 29 -20.30 -1.84 -5.10
C THR E 29 -19.45 -1.40 -3.91
N ARG E 30 -19.44 -0.10 -3.66
CA ARG E 30 -18.58 0.49 -2.68
C ARG E 30 -19.27 0.78 -1.38
N GLN E 31 -20.33 0.01 -1.09
CA GLN E 31 -21.06 0.09 0.20
C GLN E 31 -21.63 1.49 0.49
N LEU E 32 -22.19 2.10 -0.53
CA LEU E 32 -22.75 3.44 -0.39
C LEU E 32 -24.24 3.41 -0.52
N ASP E 33 -24.88 4.44 0.06
CA ASP E 33 -26.32 4.65 -0.07
C ASP E 33 -26.67 5.01 -1.48
N SER E 34 -27.84 4.57 -1.93
CA SER E 34 -28.25 4.92 -3.30
C SER E 34 -28.56 6.42 -3.42
N LEU E 35 -28.38 6.97 -4.60
CA LEU E 35 -28.77 8.35 -4.84
C LEU E 35 -30.23 8.39 -5.28
N GLU E 36 -30.92 9.48 -4.93
CA GLU E 36 -32.31 9.67 -5.41
C GLU E 36 -32.33 10.72 -6.50
N TRP E 37 -33.23 10.55 -7.47
CA TRP E 37 -33.44 11.52 -8.56
C TRP E 37 -34.06 12.86 -8.09
N ASP E 38 -33.58 13.96 -8.65
CA ASP E 38 -34.13 15.26 -8.38
C ASP E 38 -34.25 16.11 -9.67
N GLY E 39 -35.52 16.33 -10.04
CA GLY E 39 -35.91 17.06 -11.25
C GLY E 39 -35.29 18.44 -11.38
N ASP E 40 -35.20 19.16 -10.26
CA ASP E 40 -34.58 20.47 -10.30
C ASP E 40 -33.18 20.45 -10.81
N LEU E 41 -32.44 19.45 -10.31
CA LEU E 41 -31.06 19.18 -10.78
C LEU E 41 -31.05 18.78 -12.25
N ALA E 42 -31.92 17.84 -12.61
CA ALA E 42 -32.06 17.40 -14.02
C ALA E 42 -32.29 18.55 -14.98
N TRP E 43 -33.07 19.52 -14.53
CA TRP E 43 -33.45 20.62 -15.36
C TRP E 43 -32.21 21.51 -15.51
N LYS E 44 -31.62 21.85 -14.37
CA LYS E 44 -30.36 22.60 -14.36
C LYS E 44 -29.31 21.93 -15.25
N ALA E 45 -29.29 20.60 -15.25
CA ALA E 45 -28.33 19.87 -16.05
C ALA E 45 -28.56 20.16 -17.50
N GLN E 46 -29.82 20.11 -17.92
CA GLN E 46 -30.12 20.34 -19.33
C GLN E 46 -29.80 21.77 -19.78
N GLN E 47 -29.96 22.72 -18.86
CA GLN E 47 -29.66 24.08 -19.17
C GLN E 47 -28.20 24.24 -19.51
N VAL E 48 -27.34 23.54 -18.77
CA VAL E 48 -25.89 23.60 -19.04
C VAL E 48 -25.55 22.81 -20.31
N ALA E 49 -26.21 21.66 -20.46
CA ALA E 49 -26.03 20.83 -21.65
C ALA E 49 -26.35 21.52 -22.99
N THR E 50 -27.47 22.25 -23.08
CA THR E 50 -27.89 22.83 -24.38
C THR E 50 -26.98 23.95 -24.91
N GLN E 51 -26.12 24.52 -24.06
CA GLN E 51 -25.14 25.53 -24.51
C GLN E 51 -24.07 25.02 -25.49
N CYS E 52 -23.86 23.69 -25.54
CA CYS E 52 -22.79 23.04 -26.33
C CYS E 52 -21.37 23.55 -26.02
N ASN E 53 -21.07 23.76 -24.74
CA ASN E 53 -19.78 24.29 -24.34
C ASN E 53 -19.17 23.60 -23.11
N VAL E 54 -18.64 22.39 -23.33
CA VAL E 54 -18.03 21.60 -22.22
C VAL E 54 -16.87 22.29 -21.51
N ASP E 55 -16.16 23.14 -22.25
CA ASP E 55 -14.96 23.78 -21.73
C ASP E 55 -15.28 24.95 -20.81
N ASN E 56 -16.26 25.76 -21.17
CA ASN E 56 -16.54 26.98 -20.43
C ASN E 56 -18.01 27.40 -20.46
N PRO E 57 -18.88 26.63 -19.78
CA PRO E 57 -20.31 26.94 -19.79
C PRO E 57 -20.66 28.08 -18.86
N GLN E 58 -21.81 28.70 -19.11
CA GLN E 58 -22.36 29.74 -18.26
C GLN E 58 -23.11 29.10 -17.09
N LEU E 59 -22.86 29.52 -15.87
CA LEU E 59 -23.48 28.86 -14.71
C LEU E 59 -24.09 29.87 -13.75
N TRP E 60 -25.05 29.41 -12.96
CA TRP E 60 -25.71 30.23 -11.96
C TRP E 60 -25.99 29.37 -10.75
N GLY E 61 -26.19 30.01 -9.60
CA GLY E 61 -26.59 29.28 -8.38
C GLY E 61 -25.40 29.02 -7.47
N ASP E 62 -25.73 28.72 -6.20
CA ASP E 62 -24.74 28.37 -5.16
C ASP E 62 -24.02 27.06 -5.51
N ASN E 63 -24.82 26.02 -5.74
CA ASN E 63 -24.37 24.74 -6.19
C ASN E 63 -24.10 24.81 -7.71
N GLY E 64 -23.69 25.97 -8.18
CA GLY E 64 -23.43 26.21 -9.59
C GLY E 64 -22.40 25.29 -10.24
N ALA E 65 -21.32 24.99 -9.53
CA ALA E 65 -20.22 24.17 -10.07
C ALA E 65 -20.33 22.65 -9.80
N SER E 66 -21.34 22.26 -9.07
CA SER E 66 -21.53 20.91 -8.65
C SER E 66 -22.04 19.95 -9.71
N PHE E 67 -21.23 19.72 -10.74
CA PHE E 67 -21.66 18.81 -11.80
C PHE E 67 -20.56 18.13 -12.60
N ASN E 68 -20.91 16.98 -13.17
CA ASN E 68 -20.16 16.34 -14.25
C ASN E 68 -20.69 16.62 -15.64
N ILE E 69 -19.77 16.69 -16.58
CA ILE E 69 -20.13 16.93 -17.97
C ILE E 69 -19.28 16.10 -18.91
N GLY E 70 -19.89 15.51 -19.91
CA GLY E 70 -19.16 14.80 -20.92
C GLY E 70 -19.92 14.40 -22.18
N ARG E 71 -19.14 14.12 -23.22
CA ARG E 71 -19.67 13.81 -24.54
C ARG E 71 -20.07 12.36 -24.77
N TYR E 72 -20.69 12.11 -25.91
CA TYR E 72 -21.17 10.78 -26.39
C TYR E 72 -22.22 10.10 -25.54
N THR E 73 -22.29 8.78 -25.55
CA THR E 73 -23.39 8.09 -24.87
C THR E 73 -23.23 8.13 -23.35
N LYS E 74 -24.32 7.76 -22.65
CA LYS E 74 -24.34 7.72 -21.19
C LYS E 74 -23.24 6.85 -20.61
N GLU E 75 -23.18 5.59 -21.02
CA GLU E 75 -22.21 4.67 -20.46
C GLU E 75 -20.85 5.19 -20.75
N GLN E 76 -20.65 5.66 -21.95
CA GLN E 76 -19.35 6.22 -22.30
C GLN E 76 -18.95 7.42 -21.47
N ALA E 77 -19.87 8.36 -21.30
CA ALA E 77 -19.56 9.59 -20.57
C ALA E 77 -19.28 9.32 -19.09
N PHE E 78 -20.05 8.38 -18.53
CA PHE E 78 -19.95 8.02 -17.13
C PHE E 78 -18.62 7.32 -16.89
N ALA E 79 -18.26 6.38 -17.76
CA ALA E 79 -17.01 5.64 -17.68
C ALA E 79 -15.81 6.58 -17.56
N GLU E 80 -15.76 7.62 -18.39
CA GLU E 80 -14.72 8.65 -18.30
C GLU E 80 -14.62 9.29 -16.94
N TRP E 81 -15.75 9.53 -16.30
CA TRP E 81 -15.78 10.10 -14.96
C TRP E 81 -15.27 9.10 -13.95
N THR E 82 -15.72 7.85 -14.06
CA THR E 82 -15.32 6.83 -13.11
C THR E 82 -13.83 6.44 -13.27
N ALA E 83 -13.30 6.59 -14.48
CA ALA E 83 -11.88 6.38 -14.77
C ALA E 83 -10.93 7.32 -14.02
N THR E 84 -11.40 8.49 -13.62
CA THR E 84 -10.53 9.41 -12.88
C THR E 84 -10.23 8.90 -11.45
N SER E 85 -10.92 7.83 -11.01
CA SER E 85 -10.74 7.27 -9.64
C SER E 85 -9.28 7.00 -9.25
N GLY E 86 -8.53 6.39 -10.17
CA GLY E 86 -7.14 6.05 -9.96
C GLY E 86 -6.27 7.11 -9.29
N SER E 87 -6.57 8.39 -9.48
CA SER E 87 -5.71 9.41 -8.87
C SER E 87 -6.33 10.05 -7.63
N PHE E 88 -7.40 9.44 -7.12
CA PHE E 88 -7.99 9.93 -5.86
C PHE E 88 -6.91 9.90 -4.82
N PRO E 89 -6.68 11.01 -4.14
CA PRO E 89 -7.64 12.07 -4.01
C PRO E 89 -7.12 13.40 -4.51
N ASP E 90 -6.44 13.42 -5.66
CA ASP E 90 -6.10 14.75 -6.19
C ASP E 90 -7.26 15.37 -7.02
N ASP E 91 -7.14 16.66 -7.32
CA ASP E 91 -8.14 17.43 -8.08
C ASP E 91 -8.63 16.78 -9.38
N ARG E 92 -7.78 15.96 -10.00
CA ARG E 92 -8.18 15.31 -11.24
C ARG E 92 -9.22 14.22 -11.04
N SER E 93 -9.36 13.72 -9.83
CA SER E 93 -10.31 12.64 -9.58
C SER E 93 -11.68 13.20 -9.17
N ILE E 94 -11.80 14.52 -9.09
CA ILE E 94 -13.04 15.18 -8.67
C ILE E 94 -14.34 14.61 -9.33
N PRO E 95 -14.33 14.44 -10.66
CA PRO E 95 -15.48 13.76 -11.29
C PRO E 95 -15.91 12.51 -10.61
N TRP E 96 -14.95 11.67 -10.24
CA TRP E 96 -15.26 10.42 -9.54
C TRP E 96 -15.78 10.69 -8.15
N GLN E 97 -15.21 11.69 -7.49
CA GLN E 97 -15.61 11.97 -6.11
C GLN E 97 -17.07 12.32 -6.01
N ARG E 98 -17.56 13.13 -6.96
CA ARG E 98 -18.93 13.62 -6.91
C ARG E 98 -19.88 12.45 -6.91
N ILE E 99 -19.55 11.41 -7.66
CA ILE E 99 -20.40 10.25 -7.78
C ILE E 99 -20.37 9.47 -6.49
N VAL E 100 -19.20 9.47 -5.87
CA VAL E 100 -18.90 8.53 -4.81
C VAL E 100 -18.97 9.10 -3.39
N ALA E 101 -19.07 10.44 -3.27
CA ALA E 101 -19.16 11.12 -1.98
C ALA E 101 -20.25 10.56 -1.08
N ASN E 102 -19.87 10.19 0.14
CA ASN E 102 -20.80 9.74 1.15
C ASN E 102 -21.91 10.77 1.37
N SER E 103 -21.53 12.06 1.28
CA SER E 103 -22.43 13.17 1.55
C SER E 103 -23.52 13.37 0.49
N ALA E 104 -23.20 13.06 -0.77
CA ALA E 104 -24.14 13.22 -1.86
C ALA E 104 -25.41 12.42 -1.64
N GLN E 105 -26.57 13.06 -1.83
CA GLN E 105 -27.86 12.42 -1.62
C GLN E 105 -28.68 12.33 -2.88
N LYS E 106 -28.49 13.32 -3.76
CA LYS E 106 -29.34 13.41 -4.95
C LYS E 106 -28.61 13.74 -6.23
N VAL E 107 -29.12 13.18 -7.31
CA VAL E 107 -28.57 13.46 -8.65
C VAL E 107 -29.67 13.74 -9.66
N GLY E 108 -29.36 14.63 -10.62
CA GLY E 108 -30.25 14.76 -11.77
C GLY E 108 -29.46 15.00 -13.00
N CYS E 109 -29.86 14.33 -14.08
CA CYS E 109 -29.07 14.42 -15.32
C CYS E 109 -29.86 15.00 -16.50
N GLY E 110 -29.10 15.57 -17.43
CA GLY E 110 -29.62 16.22 -18.62
C GLY E 110 -28.81 15.87 -19.84
N GLU E 111 -29.28 16.33 -20.98
CA GLU E 111 -28.83 15.86 -22.29
C GLU E 111 -29.12 16.92 -23.36
N ALA E 112 -28.30 16.96 -24.37
CA ALA E 112 -28.44 17.90 -25.49
C ALA E 112 -27.82 17.29 -26.71
N THR E 113 -28.26 17.69 -27.89
CA THR E 113 -27.63 17.23 -29.12
C THR E 113 -26.92 18.39 -29.77
N CYS E 114 -25.63 18.25 -30.02
CA CYS E 114 -24.86 19.31 -30.69
C CYS E 114 -24.31 18.78 -32.00
N VAL E 115 -23.91 19.70 -32.88
CA VAL E 115 -23.30 19.30 -34.16
C VAL E 115 -21.97 20.00 -34.39
N LEU E 116 -21.00 19.22 -34.89
CA LEU E 116 -19.73 19.76 -35.33
C LEU E 116 -19.94 20.44 -36.69
N GLU E 117 -19.03 21.34 -37.06
CA GLU E 117 -19.17 22.13 -38.30
C GLU E 117 -19.39 21.27 -39.55
N GLY E 118 -18.56 20.25 -39.72
CA GLY E 118 -18.72 19.32 -40.83
C GLY E 118 -19.21 17.97 -40.33
N ASP E 119 -18.80 17.63 -39.11
CA ASP E 119 -19.04 16.32 -38.55
C ASP E 119 -20.46 16.13 -38.01
N MET E 120 -20.79 14.87 -37.77
CA MET E 120 -22.11 14.42 -37.33
C MET E 120 -22.49 14.86 -35.91
N ALA E 121 -23.78 14.71 -35.61
CA ALA E 121 -24.34 15.08 -34.31
C ALA E 121 -23.81 14.22 -33.18
N TYR E 122 -23.55 14.82 -32.03
CA TYR E 122 -23.13 14.08 -30.83
C TYR E 122 -23.89 14.57 -29.62
N THR E 123 -23.93 13.76 -28.58
CA THR E 123 -24.63 14.13 -27.35
C THR E 123 -23.74 14.84 -26.30
N VAL E 124 -24.27 15.84 -25.62
CA VAL E 124 -23.68 16.32 -24.35
C VAL E 124 -24.52 15.85 -23.13
N ASN E 125 -23.83 15.38 -22.10
CA ASN E 125 -24.46 14.87 -20.88
C ASN E 125 -23.99 15.68 -19.73
N VAL E 126 -24.92 15.97 -18.82
CA VAL E 126 -24.62 16.66 -17.59
C VAL E 126 -25.36 16.02 -16.45
N CYS E 127 -24.66 15.74 -15.34
CA CYS E 127 -25.34 15.33 -14.13
C CYS E 127 -25.00 16.29 -13.01
N TYR E 128 -26.01 16.65 -12.25
CA TYR E 128 -25.83 17.55 -11.12
C TYR E 128 -25.96 16.76 -9.86
N TYR E 129 -25.24 17.18 -8.83
CA TYR E 129 -25.33 16.42 -7.56
C TYR E 129 -25.68 17.31 -6.40
N ASP E 130 -26.47 16.78 -5.47
CA ASP E 130 -26.72 17.49 -4.20
C ASP E 130 -26.54 16.60 -2.99
N PRO E 131 -25.91 17.07 -1.91
CA PRO E 131 -25.35 18.43 -1.72
C PRO E 131 -24.07 18.52 -2.44
N PRO E 132 -23.57 19.75 -2.68
CA PRO E 132 -22.32 19.84 -3.43
C PRO E 132 -21.14 19.28 -2.66
N LEU E 133 -20.14 18.86 -3.39
CA LEU E 133 -18.85 18.46 -2.85
C LEU E 133 -18.21 19.56 -2.02
N SER E 134 -17.63 19.12 -0.91
CA SER E 134 -16.93 19.98 0.03
C SER E 134 -15.44 19.58 0.11
N ASP E 135 -14.84 19.72 1.27
CA ASP E 135 -13.48 19.26 1.56
C ASP E 135 -13.40 17.72 1.66
N TYR E 136 -12.16 17.22 1.56
CA TYR E 136 -11.82 15.80 1.71
C TYR E 136 -12.50 15.04 2.85
N TYR E 137 -12.42 15.56 4.07
CA TYR E 137 -13.02 14.83 5.21
C TYR E 137 -14.53 14.82 5.13
N THR E 138 -15.11 15.96 4.73
CA THR E 138 -16.56 16.12 4.69
C THR E 138 -17.24 15.19 3.71
N ASN E 139 -16.61 15.03 2.54
CA ASN E 139 -17.15 14.16 1.48
C ASN E 139 -17.34 12.72 1.93
N ALA E 140 -16.44 12.24 2.79
CA ALA E 140 -16.56 10.89 3.33
C ALA E 140 -17.39 10.87 4.60
N GLY E 141 -17.69 12.06 5.15
CA GLY E 141 -18.45 12.22 6.40
C GLY E 141 -19.75 11.42 6.45
N ASP E 142 -20.01 10.83 7.62
CA ASP E 142 -21.16 9.93 7.90
C ASP E 142 -21.26 8.72 7.01
N GLU F 4 -58.47 53.38 -2.99
CA GLU F 4 -59.21 52.13 -2.70
C GLU F 4 -59.21 51.83 -1.20
N LEU F 5 -60.39 51.70 -0.59
CA LEU F 5 -60.53 51.25 0.80
C LEU F 5 -60.39 49.74 0.87
N GLU F 6 -60.51 49.15 2.06
CA GLU F 6 -60.41 47.68 2.14
C GLU F 6 -61.54 47.06 1.32
N ALA F 7 -61.19 46.62 0.12
CA ALA F 7 -62.16 46.26 -0.90
C ALA F 7 -61.55 45.24 -1.82
N ARG F 8 -62.41 44.37 -2.32
CA ARG F 8 -62.04 43.29 -3.21
C ARG F 8 -62.89 43.46 -4.47
N GLN F 9 -62.23 43.60 -5.60
CA GLN F 9 -62.87 43.84 -6.88
C GLN F 9 -61.90 43.42 -7.96
N PHE F 10 -62.44 42.78 -9.01
CA PHE F 10 -61.62 42.32 -10.13
C PHE F 10 -60.98 43.52 -10.81
N ASP F 11 -59.67 43.45 -11.02
CA ASP F 11 -58.99 44.55 -11.65
C ASP F 11 -58.00 44.02 -12.67
N PRO F 12 -58.30 44.20 -13.96
CA PRO F 12 -57.48 43.76 -15.08
C PRO F 12 -55.97 44.00 -14.93
N ASP F 13 -55.59 45.18 -14.45
CA ASP F 13 -54.16 45.51 -14.41
C ASP F 13 -53.51 44.72 -13.33
N SER F 14 -54.07 44.77 -12.13
CA SER F 14 -53.51 44.04 -10.99
C SER F 14 -53.58 42.53 -11.25
N PHE F 15 -54.61 42.11 -11.98
CA PHE F 15 -54.80 40.70 -12.37
C PHE F 15 -53.68 40.21 -13.28
N LYS F 16 -53.43 40.91 -14.37
CA LYS F 16 -52.37 40.46 -15.23
C LYS F 16 -51.03 40.61 -14.56
N ASN F 17 -50.85 41.65 -13.76
CA ASN F 17 -49.57 41.80 -13.08
C ASN F 17 -49.26 40.67 -12.15
N LYS F 18 -50.25 40.21 -11.40
CA LYS F 18 -50.01 39.17 -10.44
C LYS F 18 -49.68 37.86 -11.16
N TRP F 19 -50.37 37.54 -12.22
CA TRP F 19 -49.98 36.36 -12.98
C TRP F 19 -48.58 36.44 -13.58
N LEU F 20 -48.19 37.61 -14.06
CA LEU F 20 -46.85 37.76 -14.67
C LEU F 20 -45.76 37.68 -13.62
N GLU F 21 -45.98 38.31 -12.48
CA GLU F 21 -45.06 38.20 -11.35
C GLU F 21 -44.82 36.71 -10.98
N LEU F 22 -45.89 35.96 -10.74
CA LEU F 22 -45.76 34.53 -10.43
C LEU F 22 -44.96 33.80 -11.48
N HIS F 23 -45.30 33.99 -12.76
CA HIS F 23 -44.56 33.32 -13.84
C HIS F 23 -43.11 33.79 -13.93
N ASN F 24 -42.92 35.09 -13.98
CA ASN F 24 -41.60 35.61 -14.18
C ASN F 24 -40.64 35.49 -12.99
N ASN F 25 -41.13 35.53 -11.76
CA ASN F 25 -40.24 35.26 -10.61
C ASN F 25 -39.61 33.87 -10.70
N GLU F 26 -40.43 32.89 -11.03
CA GLU F 26 -39.96 31.53 -11.24
C GLU F 26 -38.91 31.46 -12.34
N ARG F 27 -39.14 32.17 -13.42
CA ARG F 27 -38.21 32.16 -14.53
C ARG F 27 -36.94 32.94 -14.31
N THR F 28 -37.04 34.11 -13.69
CA THR F 28 -35.92 34.98 -13.53
C THR F 28 -34.79 34.28 -12.74
N THR F 29 -35.19 33.58 -11.70
CA THR F 29 -34.33 32.80 -10.86
C THR F 29 -33.49 31.81 -11.67
N ARG F 30 -34.14 31.17 -12.62
CA ARG F 30 -33.54 30.12 -13.44
C ARG F 30 -32.97 30.69 -14.73
N GLN F 31 -32.65 31.99 -14.71
CA GLN F 31 -32.04 32.68 -15.86
C GLN F 31 -32.83 32.55 -17.18
N LEU F 32 -34.14 32.58 -17.14
CA LEU F 32 -34.92 32.54 -18.35
C LEU F 32 -35.47 33.92 -18.65
N ASP F 33 -35.84 34.14 -19.91
CA ASP F 33 -36.42 35.43 -20.31
C ASP F 33 -37.82 35.60 -19.78
N SER F 34 -38.18 36.80 -19.31
CA SER F 34 -39.56 37.11 -18.84
C SER F 34 -40.62 36.83 -19.92
N LEU F 35 -41.76 36.28 -19.50
CA LEU F 35 -42.90 36.07 -20.39
C LEU F 35 -43.70 37.39 -20.54
N GLU F 36 -44.38 37.55 -21.68
CA GLU F 36 -45.23 38.72 -21.90
C GLU F 36 -46.68 38.29 -21.99
N TRP F 37 -47.57 39.23 -21.70
CA TRP F 37 -49.00 38.92 -21.67
C TRP F 37 -49.59 38.92 -23.06
N ASP F 38 -50.55 38.03 -23.30
CA ASP F 38 -51.28 37.93 -24.55
C ASP F 38 -52.77 37.73 -24.27
N GLY F 39 -53.58 38.67 -24.76
CA GLY F 39 -55.01 38.69 -24.52
C GLY F 39 -55.74 37.48 -25.08
N ASP F 40 -55.35 37.08 -26.27
CA ASP F 40 -56.14 36.00 -26.93
C ASP F 40 -56.04 34.74 -26.15
N LEU F 41 -54.83 34.48 -25.64
CA LEU F 41 -54.57 33.40 -24.68
C LEU F 41 -55.40 33.55 -23.39
N ALA F 42 -55.34 34.74 -22.77
CA ALA F 42 -56.16 35.06 -21.59
C ALA F 42 -57.64 34.81 -21.79
N TRP F 43 -58.11 35.18 -22.97
CA TRP F 43 -59.49 34.95 -23.32
C TRP F 43 -59.75 33.44 -23.46
N LYS F 44 -58.92 32.77 -24.25
CA LYS F 44 -58.99 31.30 -24.37
C LYS F 44 -59.00 30.58 -22.99
N ALA F 45 -58.16 31.09 -22.09
CA ALA F 45 -58.07 30.54 -20.76
C ALA F 45 -59.37 30.67 -20.04
N GLN F 46 -59.99 31.86 -20.13
CA GLN F 46 -61.26 32.06 -19.45
C GLN F 46 -62.38 31.17 -20.01
N GLN F 47 -62.34 30.89 -21.30
CA GLN F 47 -63.35 30.03 -21.83
C GLN F 47 -63.25 28.66 -21.22
N VAL F 48 -62.02 28.16 -21.03
CA VAL F 48 -61.82 26.86 -20.35
C VAL F 48 -62.25 26.90 -18.87
N ALA F 49 -61.80 27.94 -18.16
CA ALA F 49 -62.18 28.11 -16.76
C ALA F 49 -63.71 28.12 -16.50
N THR F 50 -64.47 28.75 -17.39
CA THR F 50 -65.93 28.92 -17.18
C THR F 50 -66.74 27.63 -17.31
N GLN F 51 -66.19 26.64 -18.01
CA GLN F 51 -66.80 25.32 -18.12
C GLN F 51 -66.92 24.58 -16.80
N CYS F 52 -66.17 25.02 -15.79
CA CYS F 52 -66.18 24.42 -14.46
C CYS F 52 -65.87 22.91 -14.43
N ASN F 53 -64.89 22.53 -15.24
CA ASN F 53 -64.50 21.15 -15.39
C ASN F 53 -62.97 21.04 -15.52
N VAL F 54 -62.31 20.69 -14.42
CA VAL F 54 -60.82 20.58 -14.44
C VAL F 54 -60.31 19.33 -15.15
N ASP F 55 -61.05 18.22 -15.00
CA ASP F 55 -60.62 16.94 -15.54
C ASP F 55 -60.83 16.77 -17.03
N ASN F 56 -61.96 17.24 -17.57
CA ASN F 56 -62.29 16.94 -18.96
C ASN F 56 -62.94 18.10 -19.74
N PRO F 57 -62.26 19.25 -19.86
CA PRO F 57 -62.89 20.39 -20.52
C PRO F 57 -62.86 20.27 -22.05
N GLN F 58 -63.70 21.06 -22.71
CA GLN F 58 -63.81 21.15 -24.14
C GLN F 58 -62.79 22.17 -24.67
N LEU F 59 -61.91 21.73 -25.57
CA LEU F 59 -60.86 22.58 -26.13
C LEU F 59 -60.97 22.74 -27.65
N TRP F 60 -60.25 23.74 -28.17
CA TRP F 60 -60.22 24.03 -29.59
C TRP F 60 -58.89 24.66 -29.97
N GLY F 61 -58.51 24.57 -31.24
CA GLY F 61 -57.28 25.16 -31.76
C GLY F 61 -56.14 24.16 -31.79
N ASP F 62 -55.05 24.54 -32.44
CA ASP F 62 -53.86 23.70 -32.52
C ASP F 62 -53.18 23.63 -31.16
N ASN F 63 -53.04 24.79 -30.52
CA ASN F 63 -52.47 24.95 -29.19
C ASN F 63 -53.50 24.72 -28.07
N GLY F 64 -54.51 23.93 -28.34
CA GLY F 64 -55.61 23.71 -27.40
C GLY F 64 -55.25 23.14 -26.06
N ALA F 65 -54.30 22.21 -26.06
CA ALA F 65 -53.90 21.50 -24.85
C ALA F 65 -52.78 22.23 -24.09
N SER F 66 -52.26 23.30 -24.66
CA SER F 66 -51.16 24.03 -24.08
C SER F 66 -51.53 24.92 -22.89
N PHE F 67 -51.97 24.31 -21.79
CA PHE F 67 -52.38 25.10 -20.64
C PHE F 67 -52.26 24.37 -19.30
N ASN F 68 -52.32 25.16 -18.23
CA ASN F 68 -52.34 24.68 -16.85
C ASN F 68 -53.65 25.07 -16.26
N ILE F 69 -54.11 24.26 -15.32
CA ILE F 69 -55.41 24.48 -14.69
C ILE F 69 -55.32 24.06 -13.23
N GLY F 70 -55.98 24.80 -12.36
CA GLY F 70 -55.96 24.52 -10.96
C GLY F 70 -56.85 25.38 -10.12
N ARG F 71 -57.26 24.85 -8.98
CA ARG F 71 -58.19 25.63 -8.18
C ARG F 71 -57.64 26.53 -7.09
N TYR F 72 -58.54 27.28 -6.44
CA TYR F 72 -58.25 28.22 -5.34
C TYR F 72 -57.53 29.49 -5.82
N THR F 73 -56.74 30.13 -4.94
CA THR F 73 -56.03 31.38 -5.28
C THR F 73 -54.99 31.18 -6.31
N LYS F 74 -54.60 32.31 -6.93
CA LYS F 74 -53.52 32.34 -7.92
C LYS F 74 -52.28 31.68 -7.36
N GLU F 75 -51.90 32.10 -6.16
CA GLU F 75 -50.70 31.57 -5.54
C GLU F 75 -50.84 30.07 -5.31
N GLN F 76 -51.98 29.65 -4.79
CA GLN F 76 -52.12 28.21 -4.53
C GLN F 76 -52.11 27.39 -5.77
N ALA F 77 -52.76 27.87 -6.83
CA ALA F 77 -52.79 27.14 -8.05
C ALA F 77 -51.42 27.07 -8.69
N PHE F 78 -50.71 28.19 -8.70
CA PHE F 78 -49.38 28.23 -9.26
C PHE F 78 -48.40 27.33 -8.47
N ALA F 79 -48.45 27.42 -7.14
CA ALA F 79 -47.61 26.56 -6.26
C ALA F 79 -47.77 25.09 -6.60
N GLU F 80 -49.02 24.67 -6.86
CA GLU F 80 -49.36 23.28 -7.18
C GLU F 80 -48.72 22.86 -8.50
N TRP F 81 -48.64 23.76 -9.47
CA TRP F 81 -47.94 23.48 -10.72
C TRP F 81 -46.42 23.35 -10.55
N THR F 82 -45.82 24.24 -9.77
CA THR F 82 -44.38 24.30 -9.66
C THR F 82 -43.90 23.18 -8.74
N ALA F 83 -44.76 22.77 -7.82
CA ALA F 83 -44.46 21.60 -6.98
C ALA F 83 -44.25 20.30 -7.77
N THR F 84 -44.47 20.31 -9.07
CA THR F 84 -44.28 19.10 -9.85
C THR F 84 -42.84 18.99 -10.43
N SER F 85 -41.99 19.98 -10.14
CA SER F 85 -40.67 20.07 -10.78
C SER F 85 -39.80 18.89 -10.41
N GLY F 86 -39.90 18.47 -9.15
CA GLY F 86 -39.25 17.27 -8.62
C GLY F 86 -39.10 16.06 -9.53
N SER F 87 -40.09 15.78 -10.36
CA SER F 87 -40.03 14.60 -11.22
C SER F 87 -39.61 14.85 -12.66
N PHE F 88 -39.13 16.05 -12.95
CA PHE F 88 -38.67 16.37 -14.30
C PHE F 88 -37.59 15.39 -14.70
N PRO F 89 -37.65 14.80 -15.89
CA PRO F 89 -38.46 15.22 -17.00
C PRO F 89 -39.60 14.28 -17.34
N ASP F 90 -40.10 13.56 -16.35
CA ASP F 90 -41.28 12.73 -16.61
C ASP F 90 -42.56 13.55 -16.74
N ASP F 91 -43.61 12.91 -17.23
CA ASP F 91 -44.85 13.57 -17.58
C ASP F 91 -45.60 14.26 -16.43
N ARG F 92 -45.48 13.73 -15.21
CA ARG F 92 -46.06 14.39 -14.02
C ARG F 92 -45.55 15.83 -13.80
N SER F 93 -44.39 16.17 -14.41
CA SER F 93 -43.80 17.49 -14.27
C SER F 93 -44.19 18.50 -15.39
N ILE F 94 -45.09 18.07 -16.28
CA ILE F 94 -45.51 18.90 -17.40
C ILE F 94 -46.05 20.28 -16.98
N PRO F 95 -46.89 20.34 -15.94
CA PRO F 95 -47.29 21.68 -15.44
C PRO F 95 -46.13 22.62 -15.20
N TRP F 96 -45.08 22.11 -14.59
CA TRP F 96 -43.90 22.92 -14.37
C TRP F 96 -43.18 23.23 -15.66
N GLN F 97 -43.18 22.29 -16.60
CA GLN F 97 -42.45 22.53 -17.84
C GLN F 97 -42.94 23.70 -18.63
N ARG F 98 -44.25 23.88 -18.66
CA ARG F 98 -44.85 24.94 -19.43
C ARG F 98 -44.36 26.28 -18.95
N ILE F 99 -44.23 26.41 -17.63
CA ILE F 99 -43.79 27.66 -17.02
C ILE F 99 -42.36 27.98 -17.34
N VAL F 100 -41.51 26.97 -17.28
CA VAL F 100 -40.06 27.18 -17.43
C VAL F 100 -39.50 26.83 -18.80
N ALA F 101 -40.34 26.43 -19.75
CA ALA F 101 -39.86 26.12 -21.08
C ALA F 101 -39.18 27.32 -21.69
N ASN F 102 -37.99 27.13 -22.23
CA ASN F 102 -37.25 28.22 -22.81
C ASN F 102 -37.95 28.78 -24.07
N SER F 103 -38.64 27.92 -24.79
CA SER F 103 -39.32 28.27 -26.00
C SER F 103 -40.51 29.21 -25.74
N ALA F 104 -41.19 29.00 -24.62
CA ALA F 104 -42.34 29.81 -24.25
C ALA F 104 -42.04 31.30 -24.24
N GLN F 105 -42.99 32.09 -24.78
CA GLN F 105 -42.81 33.54 -24.89
C GLN F 105 -43.93 34.34 -24.33
N LYS F 106 -45.13 33.75 -24.35
CA LYS F 106 -46.31 34.50 -23.95
C LYS F 106 -47.22 33.69 -23.07
N VAL F 107 -47.90 34.38 -22.17
CA VAL F 107 -48.84 33.70 -21.27
C VAL F 107 -50.14 34.51 -21.14
N GLY F 108 -51.24 33.80 -20.93
CA GLY F 108 -52.53 34.42 -20.67
C GLY F 108 -53.39 33.59 -19.75
N CYS F 109 -53.91 34.22 -18.71
CA CYS F 109 -54.62 33.51 -17.69
C CYS F 109 -56.05 34.03 -17.53
N GLY F 110 -56.93 33.18 -17.00
CA GLY F 110 -58.32 33.53 -16.74
C GLY F 110 -58.91 32.76 -15.58
N GLU F 111 -60.02 33.27 -15.03
CA GLU F 111 -60.70 32.55 -13.97
C GLU F 111 -62.23 32.54 -14.03
N ALA F 112 -62.82 31.67 -13.22
CA ALA F 112 -64.26 31.55 -13.06
C ALA F 112 -64.55 31.05 -11.67
N THR F 113 -65.80 31.21 -11.26
CA THR F 113 -66.23 30.80 -9.93
C THR F 113 -67.18 29.66 -10.10
N CYS F 114 -66.91 28.55 -9.45
CA CYS F 114 -67.74 27.38 -9.61
C CYS F 114 -68.38 27.02 -8.30
N VAL F 115 -69.64 26.61 -8.40
CA VAL F 115 -70.39 26.16 -7.25
C VAL F 115 -70.64 24.68 -7.40
N LEU F 116 -70.31 23.91 -6.38
CA LEU F 116 -70.55 22.48 -6.37
C LEU F 116 -71.93 22.13 -5.81
N GLU F 117 -72.13 20.86 -5.49
CA GLU F 117 -73.42 20.31 -5.13
C GLU F 117 -74.17 21.12 -4.05
N GLY F 118 -73.49 21.50 -2.97
CA GLY F 118 -74.20 22.10 -1.83
C GLY F 118 -73.75 23.46 -1.36
N ASP F 119 -73.97 24.49 -2.18
CA ASP F 119 -73.54 25.89 -1.88
C ASP F 119 -72.02 26.06 -1.63
N MET F 120 -71.20 25.15 -2.14
CA MET F 120 -69.76 25.08 -1.91
C MET F 120 -69.05 25.67 -3.13
N ALA F 121 -68.18 26.63 -2.89
CA ALA F 121 -67.68 27.46 -3.96
C ALA F 121 -66.17 27.51 -4.04
N TYR F 122 -65.66 27.47 -5.27
CA TYR F 122 -64.23 27.64 -5.51
C TYR F 122 -63.93 28.30 -6.84
N THR F 123 -62.71 28.79 -6.98
CA THR F 123 -62.23 29.40 -8.19
C THR F 123 -61.45 28.39 -9.04
N VAL F 124 -61.64 28.41 -10.37
CA VAL F 124 -60.79 27.65 -11.28
C VAL F 124 -59.89 28.65 -12.02
N ASN F 125 -58.59 28.39 -12.04
CA ASN F 125 -57.62 29.24 -12.74
C ASN F 125 -57.07 28.49 -13.91
N VAL F 126 -56.95 29.17 -15.06
CA VAL F 126 -56.34 28.55 -16.23
C VAL F 126 -55.32 29.49 -16.78
N CYS F 127 -54.15 28.96 -17.16
CA CYS F 127 -53.18 29.80 -17.88
C CYS F 127 -52.80 29.13 -19.18
N TYR F 128 -52.69 29.92 -20.25
CA TYR F 128 -52.31 29.42 -21.58
C TYR F 128 -50.94 29.89 -21.93
N TYR F 129 -50.19 29.03 -22.65
CA TYR F 129 -48.81 29.36 -23.00
C TYR F 129 -48.56 29.32 -24.49
N ASP F 130 -47.78 30.27 -24.99
CA ASP F 130 -47.38 30.24 -26.39
C ASP F 130 -45.91 30.56 -26.57
N PRO F 131 -45.20 29.90 -27.50
CA PRO F 131 -45.65 28.72 -28.31
C PRO F 131 -45.81 27.52 -27.45
N PRO F 132 -46.58 26.54 -27.88
CA PRO F 132 -46.81 25.43 -26.93
C PRO F 132 -45.57 24.51 -26.72
N LEU F 133 -45.56 23.77 -25.62
CA LEU F 133 -44.60 22.70 -25.38
C LEU F 133 -44.52 21.71 -26.52
N SER F 134 -43.28 21.39 -26.86
CA SER F 134 -42.92 20.34 -27.80
C SER F 134 -42.19 19.19 -27.08
N ASP F 135 -41.24 18.60 -27.77
CA ASP F 135 -40.36 17.57 -27.21
C ASP F 135 -39.35 18.15 -26.21
N TYR F 136 -38.89 17.27 -25.33
CA TYR F 136 -37.82 17.55 -24.36
C TYR F 136 -36.71 18.47 -24.89
N TYR F 137 -36.20 18.21 -26.08
CA TYR F 137 -35.13 19.04 -26.64
C TYR F 137 -35.55 20.43 -27.04
N THR F 138 -36.70 20.57 -27.72
CA THR F 138 -37.10 21.89 -28.23
C THR F 138 -37.43 22.88 -27.15
N ASN F 139 -38.07 22.41 -26.09
CA ASN F 139 -38.47 23.28 -24.98
C ASN F 139 -37.31 24.02 -24.39
N ALA F 140 -36.10 23.48 -24.55
CA ALA F 140 -34.92 24.13 -24.03
C ALA F 140 -34.25 24.89 -25.14
N GLY F 141 -33.58 25.98 -24.81
CA GLY F 141 -33.01 26.83 -25.88
C GLY F 141 -34.05 27.26 -26.92
N GLN G 9 -76.69 53.30 -54.32
CA GLN G 9 -75.70 53.64 -53.26
C GLN G 9 -75.86 52.80 -51.99
N PHE G 10 -77.10 52.41 -51.65
CA PHE G 10 -77.33 51.52 -50.49
C PHE G 10 -78.10 50.25 -50.78
N ASP G 11 -77.53 49.10 -50.41
CA ASP G 11 -78.21 47.82 -50.55
C ASP G 11 -78.31 47.11 -49.21
N PRO G 12 -79.51 47.06 -48.62
CA PRO G 12 -79.69 46.52 -47.29
C PRO G 12 -79.40 45.02 -47.16
N ASP G 13 -79.84 44.20 -48.10
CA ASP G 13 -79.68 42.76 -47.93
C ASP G 13 -78.20 42.30 -47.79
N SER G 14 -77.32 42.83 -48.63
CA SER G 14 -75.89 42.50 -48.58
C SER G 14 -75.22 43.13 -47.35
N PHE G 15 -75.52 44.41 -47.10
CA PHE G 15 -75.07 45.15 -45.90
C PHE G 15 -75.20 44.34 -44.61
N LYS G 16 -76.38 43.79 -44.38
CA LYS G 16 -76.63 42.88 -43.27
C LYS G 16 -75.75 41.67 -43.32
N ASN G 17 -75.67 41.04 -44.49
CA ASN G 17 -74.87 39.82 -44.61
C ASN G 17 -73.43 40.06 -44.34
N LYS G 18 -72.94 41.17 -44.84
CA LYS G 18 -71.54 41.47 -44.68
C LYS G 18 -71.21 41.66 -43.21
N TRP G 19 -72.00 42.43 -42.49
CA TRP G 19 -71.73 42.69 -41.10
C TRP G 19 -71.89 41.43 -40.25
N LEU G 20 -72.92 40.66 -40.52
CA LEU G 20 -73.07 39.41 -39.83
C LEU G 20 -71.91 38.46 -40.14
N GLU G 21 -71.37 38.54 -41.35
CA GLU G 21 -70.30 37.61 -41.72
C GLU G 21 -69.06 37.96 -40.92
N LEU G 22 -68.70 39.25 -40.91
CA LEU G 22 -67.59 39.74 -40.08
C LEU G 22 -67.67 39.26 -38.63
N HIS G 23 -68.79 39.53 -37.98
CA HIS G 23 -68.98 39.19 -36.60
C HIS G 23 -68.97 37.68 -36.41
N ASN G 24 -69.77 36.98 -37.18
CA ASN G 24 -69.88 35.55 -36.96
C ASN G 24 -68.67 34.70 -37.35
N ASN G 25 -67.88 35.14 -38.31
CA ASN G 25 -66.61 34.47 -38.57
C ASN G 25 -65.72 34.50 -37.36
N GLU G 26 -65.62 35.68 -36.75
CA GLU G 26 -64.86 35.85 -35.53
C GLU G 26 -65.34 34.93 -34.42
N ARG G 27 -66.64 34.82 -34.27
CA ARG G 27 -67.16 34.00 -33.20
C ARG G 27 -67.12 32.52 -33.48
N THR G 28 -67.29 32.12 -34.72
CA THR G 28 -67.37 30.69 -35.03
C THR G 28 -66.03 30.04 -34.74
N THR G 29 -64.95 30.71 -35.17
CA THR G 29 -63.56 30.31 -34.92
C THR G 29 -63.34 30.02 -33.42
N ARG G 30 -63.95 30.84 -32.56
CA ARG G 30 -63.80 30.73 -31.13
C ARG G 30 -64.92 30.00 -30.44
N GLN G 31 -65.66 29.20 -31.22
CA GLN G 31 -66.71 28.32 -30.68
C GLN G 31 -67.81 29.04 -29.94
N LEU G 32 -68.21 30.21 -30.42
CA LEU G 32 -69.33 30.92 -29.85
C LEU G 32 -70.54 30.73 -30.76
N ASP G 33 -71.73 30.86 -30.19
CA ASP G 33 -72.96 30.90 -31.00
C ASP G 33 -73.00 32.13 -31.89
N SER G 34 -73.54 32.02 -33.10
CA SER G 34 -73.63 33.19 -34.00
C SER G 34 -74.59 34.24 -33.42
N LEU G 35 -74.30 35.49 -33.71
CA LEU G 35 -75.23 36.58 -33.43
C LEU G 35 -76.34 36.63 -34.49
N GLU G 36 -77.55 36.99 -34.07
CA GLU G 36 -78.62 37.29 -35.03
C GLU G 36 -78.77 38.79 -35.21
N TRP G 37 -79.20 39.20 -36.39
CA TRP G 37 -79.44 40.64 -36.68
C TRP G 37 -80.68 41.18 -35.97
N ASP G 38 -80.58 42.42 -35.50
CA ASP G 38 -81.72 43.08 -34.86
C ASP G 38 -81.88 44.52 -35.36
N GLY G 39 -82.99 44.77 -36.06
CA GLY G 39 -83.21 46.01 -36.77
C GLY G 39 -83.26 47.22 -35.87
N ASP G 40 -83.84 47.03 -34.69
CA ASP G 40 -83.94 48.12 -33.72
C ASP G 40 -82.57 48.65 -33.38
N LEU G 41 -81.62 47.71 -33.20
CA LEU G 41 -80.25 48.07 -32.88
C LEU G 41 -79.62 48.77 -34.05
N ALA G 42 -79.86 48.22 -35.24
CA ALA G 42 -79.35 48.81 -36.49
C ALA G 42 -79.82 50.24 -36.68
N TRP G 43 -81.06 50.50 -36.28
CA TRP G 43 -81.64 51.80 -36.42
C TRP G 43 -80.92 52.72 -35.47
N LYS G 44 -80.87 52.28 -34.21
CA LYS G 44 -80.16 53.03 -33.15
C LYS G 44 -78.72 53.33 -33.55
N ALA G 45 -78.08 52.34 -34.19
CA ALA G 45 -76.72 52.49 -34.65
C ALA G 45 -76.61 53.60 -35.67
N GLN G 46 -77.54 53.65 -36.63
CA GLN G 46 -77.49 54.68 -37.64
C GLN G 46 -77.74 56.06 -37.02
N GLN G 47 -78.59 56.11 -36.00
CA GLN G 47 -78.86 57.35 -35.34
C GLN G 47 -77.57 57.91 -34.77
N VAL G 48 -76.71 57.01 -34.27
CA VAL G 48 -75.44 57.44 -33.67
C VAL G 48 -74.45 57.85 -34.75
N ALA G 49 -74.43 57.06 -35.81
CA ALA G 49 -73.54 57.34 -36.93
C ALA G 49 -73.81 58.70 -37.57
N THR G 50 -75.09 59.09 -37.67
CA THR G 50 -75.48 60.31 -38.40
C THR G 50 -74.99 61.60 -37.78
N GLN G 51 -74.73 61.56 -36.48
CA GLN G 51 -74.17 62.70 -35.75
C GLN G 51 -72.78 63.15 -36.19
N CYS G 52 -72.03 62.24 -36.83
CA CYS G 52 -70.68 62.52 -37.35
C CYS G 52 -69.70 62.96 -36.26
N ASN G 53 -69.87 62.40 -35.09
CA ASN G 53 -68.99 62.62 -33.98
C ASN G 53 -68.65 61.25 -33.46
N VAL G 54 -67.40 60.85 -33.59
CA VAL G 54 -66.97 59.54 -33.10
C VAL G 54 -66.52 59.59 -31.64
N ASP G 55 -65.94 60.71 -31.24
CA ASP G 55 -65.42 60.87 -29.89
C ASP G 55 -66.48 61.06 -28.82
N ASN G 56 -67.50 61.87 -29.12
CA ASN G 56 -68.49 62.17 -28.11
C ASN G 56 -69.92 62.37 -28.63
N PRO G 57 -70.56 61.28 -29.07
CA PRO G 57 -71.92 61.35 -29.58
C PRO G 57 -72.97 61.43 -28.49
N GLN G 58 -74.19 61.76 -28.88
CA GLN G 58 -75.31 61.84 -27.98
C GLN G 58 -75.99 60.47 -27.97
N LEU G 59 -76.19 59.91 -26.78
CA LEU G 59 -76.76 58.58 -26.66
C LEU G 59 -77.97 58.55 -25.80
N TRP G 60 -78.84 57.61 -26.08
CA TRP G 60 -80.05 57.44 -25.30
C TRP G 60 -80.24 55.95 -25.00
N GLY G 61 -81.11 55.64 -24.06
CA GLY G 61 -81.42 54.28 -23.66
C GLY G 61 -80.58 53.80 -22.48
N ASP G 62 -81.04 52.69 -21.88
CA ASP G 62 -80.26 51.97 -20.86
C ASP G 62 -78.97 51.41 -21.51
N ASN G 63 -79.12 50.77 -22.67
CA ASN G 63 -78.02 50.19 -23.38
C ASN G 63 -77.30 51.17 -24.31
N GLY G 64 -77.36 52.45 -24.00
CA GLY G 64 -76.83 53.48 -24.88
C GLY G 64 -75.36 53.37 -25.23
N ALA G 65 -74.55 52.84 -24.32
CA ALA G 65 -73.10 52.81 -24.52
C ALA G 65 -72.61 51.51 -25.15
N SER G 66 -73.54 50.59 -25.41
CA SER G 66 -73.24 49.28 -25.88
C SER G 66 -72.99 49.22 -27.38
N PHE G 67 -71.94 49.86 -27.83
CA PHE G 67 -71.68 49.88 -29.27
C PHE G 67 -70.21 50.06 -29.61
N ASN G 68 -69.84 49.61 -30.79
CA ASN G 68 -68.57 49.97 -31.38
C ASN G 68 -68.73 51.00 -32.46
N ILE G 69 -67.68 51.78 -32.65
CA ILE G 69 -67.68 52.84 -33.64
C ILE G 69 -66.32 52.93 -34.28
N GLY G 70 -66.31 53.20 -35.57
CA GLY G 70 -65.08 53.44 -36.30
C GLY G 70 -65.29 53.86 -37.72
N ARG G 71 -64.24 54.45 -38.30
CA ARG G 71 -64.27 55.02 -39.62
C ARG G 71 -63.97 54.05 -40.74
N TYR G 72 -64.16 54.53 -41.99
CA TYR G 72 -63.78 53.85 -43.26
C TYR G 72 -64.57 52.59 -43.56
N THR G 73 -64.00 51.63 -44.29
CA THR G 73 -64.83 50.49 -44.73
C THR G 73 -65.18 49.59 -43.54
N LYS G 74 -66.23 48.79 -43.72
CA LYS G 74 -66.64 47.79 -42.73
C LYS G 74 -65.45 46.94 -42.28
N GLU G 75 -64.72 46.38 -43.26
CA GLU G 75 -63.59 45.52 -42.98
C GLU G 75 -62.53 46.29 -42.21
N GLN G 76 -62.24 47.53 -42.61
CA GLN G 76 -61.25 48.33 -41.85
C GLN G 76 -61.67 48.60 -40.43
N ALA G 77 -62.92 48.97 -40.24
CA ALA G 77 -63.36 49.38 -38.92
C ALA G 77 -63.46 48.18 -37.99
N PHE G 78 -63.93 47.06 -38.52
CA PHE G 78 -64.05 45.84 -37.76
C PHE G 78 -62.65 45.33 -37.35
N ALA G 79 -61.74 45.27 -38.31
CA ALA G 79 -60.34 44.92 -38.03
C ALA G 79 -59.72 45.78 -36.92
N GLU G 80 -59.92 47.08 -36.97
CA GLU G 80 -59.52 47.97 -35.90
C GLU G 80 -60.13 47.57 -34.51
N TRP G 81 -61.34 47.02 -34.48
CA TRP G 81 -61.92 46.58 -33.22
C TRP G 81 -61.32 45.28 -32.71
N THR G 82 -61.10 44.32 -33.59
CA THR G 82 -60.55 43.02 -33.22
C THR G 82 -59.08 43.11 -32.86
N ALA G 83 -58.37 44.05 -33.49
CA ALA G 83 -56.97 44.34 -33.15
C ALA G 83 -56.75 44.68 -31.67
N THR G 84 -57.83 44.92 -30.94
CA THR G 84 -57.63 45.26 -29.55
C THR G 84 -57.58 44.03 -28.64
N SER G 85 -57.76 42.84 -29.22
CA SER G 85 -57.77 41.58 -28.46
C SER G 85 -56.52 41.38 -27.61
N GLY G 86 -55.38 41.80 -28.17
CA GLY G 86 -54.08 41.67 -27.53
C GLY G 86 -53.97 42.01 -26.06
N SER G 87 -54.77 42.97 -25.60
CA SER G 87 -54.66 43.42 -24.24
C SER G 87 -55.79 42.96 -23.34
N PHE G 88 -56.58 42.02 -23.84
CA PHE G 88 -57.64 41.44 -22.98
C PHE G 88 -57.04 40.94 -21.69
N PRO G 89 -57.60 41.23 -20.54
CA PRO G 89 -58.91 41.81 -20.37
C PRO G 89 -58.88 43.25 -19.85
N ASP G 90 -57.95 44.06 -20.32
CA ASP G 90 -57.99 45.45 -19.88
C ASP G 90 -58.97 46.28 -20.72
N ASP G 91 -59.16 47.54 -20.34
CA ASP G 91 -60.16 48.37 -20.99
C ASP G 91 -59.88 48.69 -22.46
N ARG G 92 -58.63 48.60 -22.92
CA ARG G 92 -58.34 48.81 -24.35
C ARG G 92 -59.01 47.78 -25.28
N SER G 93 -59.39 46.64 -24.72
CA SER G 93 -59.92 45.55 -25.49
C SER G 93 -61.43 45.51 -25.48
N ILE G 94 -62.09 46.49 -24.87
CA ILE G 94 -63.58 46.52 -24.87
C ILE G 94 -64.20 46.32 -26.28
N PRO G 95 -63.68 47.00 -27.32
CA PRO G 95 -64.20 46.79 -28.67
C PRO G 95 -64.25 45.35 -29.06
N TRP G 96 -63.15 44.62 -28.82
CA TRP G 96 -63.13 43.19 -29.12
C TRP G 96 -64.04 42.43 -28.20
N GLN G 97 -64.11 42.84 -26.94
CA GLN G 97 -64.96 42.14 -25.98
C GLN G 97 -66.41 42.10 -26.36
N ARG G 98 -66.91 43.20 -26.95
CA ARG G 98 -68.31 43.27 -27.34
C ARG G 98 -68.63 42.24 -28.42
N ILE G 99 -67.74 42.09 -29.38
CA ILE G 99 -67.93 41.18 -30.49
C ILE G 99 -67.94 39.74 -30.01
N VAL G 100 -67.00 39.49 -29.11
CA VAL G 100 -66.69 38.14 -28.68
C VAL G 100 -67.41 37.69 -27.40
N ALA G 101 -68.24 38.54 -26.82
CA ALA G 101 -68.92 38.18 -25.61
C ALA G 101 -69.89 37.02 -25.73
N ASN G 102 -69.75 36.04 -24.88
CA ASN G 102 -70.66 34.91 -24.84
C ASN G 102 -72.10 35.34 -24.53
N SER G 103 -72.27 36.40 -23.77
CA SER G 103 -73.59 36.87 -23.41
C SER G 103 -74.31 37.51 -24.56
N ALA G 104 -73.57 38.14 -25.45
CA ALA G 104 -74.13 38.80 -26.63
C ALA G 104 -74.96 37.87 -27.49
N GLN G 105 -76.09 38.37 -27.98
CA GLN G 105 -76.97 37.54 -28.78
C GLN G 105 -77.42 38.21 -30.06
N LYS G 106 -77.38 39.54 -30.08
CA LYS G 106 -77.86 40.26 -31.22
C LYS G 106 -76.96 41.41 -31.59
N VAL G 107 -76.88 41.68 -32.90
CA VAL G 107 -76.12 42.82 -33.38
C VAL G 107 -76.93 43.57 -34.44
N GLY G 108 -76.66 44.86 -34.57
CA GLY G 108 -77.28 45.68 -35.63
C GLY G 108 -76.38 46.86 -35.92
N CYS G 109 -76.09 47.07 -37.19
CA CYS G 109 -75.10 48.06 -37.55
C CYS G 109 -75.75 49.13 -38.44
N GLY G 110 -75.14 50.31 -38.45
CA GLY G 110 -75.57 51.40 -39.28
C GLY G 110 -74.38 52.22 -39.74
N GLU G 111 -74.64 53.13 -40.66
CA GLU G 111 -73.64 53.80 -41.46
C GLU G 111 -74.12 55.21 -41.76
N ALA G 112 -73.17 56.11 -41.92
CA ALA G 112 -73.43 57.49 -42.30
C ALA G 112 -72.19 58.08 -42.97
N THR G 113 -72.37 59.12 -43.79
CA THR G 113 -71.26 59.76 -44.47
C THR G 113 -71.03 61.15 -43.96
N CYS G 114 -69.79 61.45 -43.59
CA CYS G 114 -69.44 62.77 -43.07
C CYS G 114 -68.41 63.42 -43.96
N VAL G 115 -68.65 64.68 -44.29
CA VAL G 115 -67.78 65.45 -45.15
C VAL G 115 -66.55 65.95 -44.41
N LEU G 116 -65.50 66.22 -45.19
CA LEU G 116 -64.26 66.73 -44.66
C LEU G 116 -63.66 67.90 -45.44
N GLU G 117 -64.14 69.10 -45.17
CA GLU G 117 -63.50 70.34 -45.64
C GLU G 117 -63.21 70.37 -47.16
N GLY G 118 -64.21 70.07 -47.96
CA GLY G 118 -64.04 70.06 -49.41
C GLY G 118 -64.55 68.76 -49.98
N ASP G 119 -63.92 68.30 -51.06
CA ASP G 119 -64.32 67.05 -51.70
C ASP G 119 -64.31 65.82 -50.73
N MET G 120 -63.33 65.75 -49.86
CA MET G 120 -63.11 64.58 -49.00
C MET G 120 -64.24 64.28 -48.03
N ALA G 121 -64.53 62.99 -47.85
CA ALA G 121 -65.56 62.54 -46.91
C ALA G 121 -65.27 61.13 -46.39
N TYR G 122 -65.71 60.84 -45.17
CA TYR G 122 -65.48 59.53 -44.56
C TYR G 122 -66.72 58.91 -43.98
N THR G 123 -66.74 57.59 -43.94
CA THR G 123 -67.87 56.85 -43.39
C THR G 123 -67.69 56.63 -41.89
N VAL G 124 -68.79 56.71 -41.18
CA VAL G 124 -68.84 56.32 -39.77
C VAL G 124 -69.72 55.09 -39.62
N ASN G 125 -69.12 54.02 -39.08
CA ASN G 125 -69.78 52.74 -38.83
C ASN G 125 -70.04 52.57 -37.37
N VAL G 126 -71.24 52.10 -37.05
CA VAL G 126 -71.64 51.85 -35.68
C VAL G 126 -72.31 50.49 -35.60
N CYS G 127 -71.91 49.69 -34.62
CA CYS G 127 -72.61 48.43 -34.40
C CYS G 127 -73.06 48.40 -32.98
N TYR G 128 -74.29 47.94 -32.78
CA TYR G 128 -74.83 47.86 -31.45
C TYR G 128 -74.97 46.40 -31.08
N TYR G 129 -74.80 46.11 -29.79
CA TYR G 129 -74.92 44.72 -29.31
C TYR G 129 -75.95 44.60 -28.22
N ASP G 130 -76.71 43.52 -28.25
CA ASP G 130 -77.60 43.23 -27.16
C ASP G 130 -77.46 41.77 -26.81
N PRO G 131 -77.38 41.38 -25.53
CA PRO G 131 -77.41 42.22 -24.32
C PRO G 131 -76.11 42.97 -24.20
N PRO G 132 -76.10 44.08 -23.50
CA PRO G 132 -74.86 44.85 -23.43
C PRO G 132 -73.76 44.19 -22.61
N LEU G 133 -72.53 44.64 -22.84
CA LEU G 133 -71.38 44.14 -22.14
C LEU G 133 -71.48 44.51 -20.68
N SER G 134 -71.11 43.59 -19.83
CA SER G 134 -71.16 43.80 -18.40
C SER G 134 -69.74 43.54 -17.84
N ASP G 135 -69.68 42.93 -16.68
CA ASP G 135 -68.45 42.61 -16.04
C ASP G 135 -67.75 41.39 -16.64
N TYR G 136 -66.44 41.31 -16.42
CA TYR G 136 -65.61 40.22 -16.90
C TYR G 136 -66.18 38.83 -16.77
N TYR G 137 -66.69 38.49 -15.60
CA TYR G 137 -67.26 37.15 -15.40
C TYR G 137 -68.55 36.95 -16.16
N THR G 138 -69.40 37.96 -16.23
CA THR G 138 -70.67 37.83 -16.92
C THR G 138 -70.58 37.70 -18.42
N ASN G 139 -69.63 38.39 -19.01
CA ASN G 139 -69.53 38.33 -20.47
C ASN G 139 -69.29 36.95 -20.99
N ALA G 140 -68.65 36.12 -20.17
CA ALA G 140 -68.40 34.74 -20.54
C ALA G 140 -69.48 33.88 -19.89
N GLY G 141 -69.75 32.70 -20.42
CA GLY G 141 -70.84 31.92 -19.81
C GLY G 141 -72.24 32.25 -20.33
N ASP G 142 -73.01 31.21 -20.54
CA ASP G 142 -74.28 31.29 -21.26
C ASP G 142 -75.29 32.21 -20.63
N ASN G 143 -76.01 32.94 -21.47
CA ASN G 143 -77.09 33.82 -21.02
C ASN G 143 -78.45 33.19 -21.30
#